data_3Q2V
#
_entry.id   3Q2V
#
_cell.length_a   119.140
_cell.length_b   79.697
_cell.length_c   176.001
_cell.angle_alpha   90.00
_cell.angle_beta   98.56
_cell.angle_gamma   90.00
#
_symmetry.space_group_name_H-M   'C 1 2 1'
#
loop_
_entity.id
_entity.type
_entity.pdbx_description
1 polymer Cadherin-1
2 non-polymer 'CALCIUM ION'
3 non-polymer 'MANGANESE (II) ION'
4 non-polymer alpha-D-mannopyranose
5 water water
#
_entity_poly.entity_id   1
_entity_poly.type   'polypeptide(L)'
_entity_poly.pdbx_seq_one_letter_code
;DWVIPPISCPENEKGEFPKNLVQIKSNRDKETKVFYSITGQGADKPPVGVFIIERETGWLKVTQPLDREAIAKYILYSHA
VSSNGEAVEDPMEIVITVTDQNDNRPEFTQEVFEGSVAEGAVPGTSVMKVSATDADDDVNTYNAAIAYTIVSQDPELPHK
NMFTVNRDTGVISVLTSGLDRESYPTYTLVVQAADLQGEGLSTTAKAVITVKDINDNAPVFNPSTYQGQVPENEVNARIA
TLKVTDDDAPNTPAWKAVYTVVNDPDQQFVVVTDPTTNDGILKTAKGLDFEAKQQYILHVRVENEEPFEGSLVPSTATVT
VDVVDVNEAPIFMPAERRVEVPEDFGVGQEITSYTAREPDTFMDQKITYRIWRDTANWLEINPETGAIFTRAEMDREDAE
HVKNSTYVALIIATDDGSPIATGTGTLLLVLLDVNDNAPIPEPRNMQFCQRNPQPHIITILDPDLPPNTSPFTAELTHGA
SVNWTIEYNDAAQESLILQPRKDLEIGEYKIHLKLADNQNKDQVTTLDVHVCDCEGTVNNCMKAHHHHHH
;
_entity_poly.pdbx_strand_id   A,B
#
# COMPACT_ATOMS: atom_id res chain seq x y z
N ASP A 1 10.32 -34.50 -2.65
CA ASP A 1 9.61 -34.24 -3.90
C ASP A 1 9.65 -32.75 -4.28
N TRP A 2 9.44 -32.49 -5.57
CA TRP A 2 9.36 -31.13 -6.08
C TRP A 2 7.99 -30.52 -5.76
N VAL A 3 7.92 -29.76 -4.68
CA VAL A 3 6.66 -29.14 -4.29
C VAL A 3 6.43 -27.83 -5.07
N ILE A 4 5.32 -27.16 -4.77
CA ILE A 4 4.96 -25.88 -5.36
C ILE A 4 5.01 -24.86 -4.23
N PRO A 5 5.75 -23.77 -4.43
CA PRO A 5 5.95 -22.71 -3.43
C PRO A 5 4.61 -22.15 -2.92
N PRO A 6 4.64 -21.43 -1.79
CA PRO A 6 3.42 -20.89 -1.17
C PRO A 6 2.91 -19.68 -1.93
N ILE A 7 1.65 -19.75 -2.35
CA ILE A 7 1.04 -18.66 -3.09
C ILE A 7 0.42 -17.67 -2.13
N SER A 8 0.55 -16.40 -2.45
CA SER A 8 0.08 -15.35 -1.57
C SER A 8 -0.94 -14.47 -2.29
N CYS A 9 -2.15 -14.40 -1.76
CA CYS A 9 -3.17 -13.51 -2.31
C CYS A 9 -3.52 -12.42 -1.30
N PRO A 10 -3.35 -11.15 -1.70
CA PRO A 10 -3.68 -9.94 -0.93
C PRO A 10 -5.14 -9.86 -0.55
N GLU A 11 -5.46 -10.00 0.73
CA GLU A 11 -6.85 -10.10 1.16
C GLU A 11 -7.69 -8.97 0.58
N ASN A 12 -8.98 -9.24 0.40
CA ASN A 12 -9.93 -8.24 -0.10
C ASN A 12 -9.55 -7.71 -1.49
N GLU A 13 -8.89 -8.55 -2.28
CA GLU A 13 -8.59 -8.22 -3.66
C GLU A 13 -9.93 -7.89 -4.34
N LYS A 14 -9.98 -6.78 -5.08
CA LYS A 14 -11.18 -6.46 -5.85
C LYS A 14 -10.86 -6.48 -7.35
N GLY A 15 -11.39 -7.47 -8.04
CA GLY A 15 -11.12 -7.68 -9.46
C GLY A 15 -12.25 -8.47 -10.08
N GLU A 16 -12.01 -9.10 -11.21
CA GLU A 16 -13.06 -9.96 -11.78
C GLU A 16 -12.83 -11.41 -11.39
N PHE A 17 -13.72 -11.93 -10.54
CA PHE A 17 -13.59 -13.30 -10.06
C PHE A 17 -14.27 -14.28 -11.00
N PRO A 18 -13.81 -15.53 -11.02
CA PRO A 18 -12.69 -15.98 -10.19
C PRO A 18 -11.36 -15.73 -10.86
N LYS A 19 -10.31 -15.85 -10.07
CA LYS A 19 -8.99 -15.47 -10.51
C LYS A 19 -8.05 -16.66 -10.38
N ASN A 20 -7.27 -16.89 -11.42
CA ASN A 20 -6.37 -18.04 -11.48
C ASN A 20 -5.14 -17.88 -10.57
N LEU A 21 -4.88 -18.88 -9.74
CA LEU A 21 -3.68 -18.85 -8.90
C LEU A 21 -2.52 -19.53 -9.62
N VAL A 22 -2.59 -20.86 -9.74
CA VAL A 22 -1.54 -21.60 -10.40
C VAL A 22 -2.13 -22.64 -11.34
N GLN A 23 -1.25 -23.40 -11.98
CA GLN A 23 -1.68 -24.47 -12.87
C GLN A 23 -0.81 -25.69 -12.61
N ILE A 24 -1.45 -26.79 -12.25
CA ILE A 24 -0.71 -28.00 -11.93
C ILE A 24 -0.77 -29.04 -13.05
N LYS A 25 0.20 -29.93 -13.05
CA LYS A 25 0.33 -30.95 -14.08
C LYS A 25 0.90 -32.21 -13.44
N SER A 26 0.42 -33.36 -13.90
CA SER A 26 1.01 -34.65 -13.56
C SER A 26 1.63 -35.16 -14.83
N ASN A 27 2.91 -35.50 -14.80
CA ASN A 27 3.59 -35.88 -16.04
C ASN A 27 2.91 -37.09 -16.69
N ARG A 28 2.21 -37.85 -15.87
CA ARG A 28 1.47 -39.02 -16.31
C ARG A 28 0.26 -38.60 -17.14
N ASP A 29 0.09 -37.30 -17.29
CA ASP A 29 -1.09 -36.77 -17.97
C ASP A 29 -1.18 -37.24 -19.42
N LYS A 30 -0.08 -37.78 -19.95
CA LYS A 30 -0.07 -38.19 -21.34
C LYS A 30 -0.09 -39.69 -21.54
N GLU A 31 0.24 -40.42 -20.48
CA GLU A 31 0.05 -41.86 -20.50
C GLU A 31 -1.40 -42.22 -20.15
N THR A 32 -2.11 -41.27 -19.53
CA THR A 32 -3.56 -41.40 -19.34
C THR A 32 -4.19 -40.04 -19.13
N LYS A 33 -5.47 -39.94 -19.47
CA LYS A 33 -6.24 -38.73 -19.23
C LYS A 33 -6.46 -38.54 -17.74
N VAL A 34 -5.92 -37.45 -17.19
CA VAL A 34 -5.92 -37.23 -15.74
C VAL A 34 -6.85 -36.11 -15.36
N PHE A 35 -7.47 -36.24 -14.19
CA PHE A 35 -8.46 -35.28 -13.75
C PHE A 35 -8.13 -34.65 -12.43
N TYR A 36 -7.89 -33.34 -12.47
CA TYR A 36 -7.33 -32.64 -11.33
C TYR A 36 -8.40 -32.16 -10.37
N SER A 37 -8.10 -32.30 -9.09
CA SER A 37 -9.04 -31.92 -8.05
C SER A 37 -8.22 -31.48 -6.86
N ILE A 38 -8.77 -30.55 -6.08
CA ILE A 38 -8.15 -30.13 -4.85
C ILE A 38 -9.13 -30.40 -3.73
N THR A 39 -8.62 -30.43 -2.50
CA THR A 39 -9.45 -30.62 -1.33
C THR A 39 -9.02 -29.67 -0.22
N GLY A 40 -9.85 -29.57 0.81
CA GLY A 40 -9.43 -28.89 2.01
C GLY A 40 -10.27 -27.69 2.37
N GLN A 41 -9.87 -27.01 3.45
N GLN A 41 -9.84 -27.01 3.42
CA GLN A 41 -10.63 -25.88 3.97
CA GLN A 41 -10.56 -25.87 3.97
C GLN A 41 -10.55 -24.70 3.02
C GLN A 41 -10.54 -24.68 3.01
N GLY A 42 -11.61 -24.52 2.25
CA GLY A 42 -11.67 -23.48 1.24
C GLY A 42 -11.91 -24.13 -0.10
N ALA A 43 -11.78 -25.45 -0.11
CA ALA A 43 -11.94 -26.24 -1.33
C ALA A 43 -13.22 -27.04 -1.23
N ASP A 44 -13.18 -28.09 -0.42
CA ASP A 44 -14.36 -28.88 -0.20
C ASP A 44 -14.79 -28.70 1.24
N LYS A 45 -13.83 -28.44 2.12
CA LYS A 45 -14.13 -28.19 3.51
C LYS A 45 -14.25 -26.68 3.77
N PRO A 46 -15.25 -26.28 4.57
CA PRO A 46 -15.55 -24.87 4.80
C PRO A 46 -14.34 -24.08 5.29
N PRO A 47 -14.20 -22.82 4.83
CA PRO A 47 -15.07 -22.21 3.82
C PRO A 47 -15.08 -23.12 2.62
N VAL A 48 -16.18 -23.15 1.87
CA VAL A 48 -16.22 -24.05 0.74
C VAL A 48 -16.12 -23.30 -0.57
N GLY A 49 -15.48 -23.92 -1.55
CA GLY A 49 -15.45 -23.39 -2.90
C GLY A 49 -14.81 -22.02 -2.99
N VAL A 50 -14.05 -21.65 -1.98
CA VAL A 50 -13.29 -20.42 -2.04
C VAL A 50 -12.27 -20.60 -3.14
N PHE A 51 -11.57 -21.71 -3.06
CA PHE A 51 -10.61 -22.07 -4.09
C PHE A 51 -11.19 -23.22 -4.90
N ILE A 52 -10.95 -23.19 -6.20
CA ILE A 52 -11.35 -24.28 -7.06
C ILE A 52 -10.26 -24.66 -8.05
N ILE A 53 -10.47 -25.75 -8.76
CA ILE A 53 -9.51 -26.22 -9.74
C ILE A 53 -10.26 -26.72 -10.97
N GLU A 54 -9.79 -26.35 -12.15
CA GLU A 54 -10.41 -26.83 -13.37
C GLU A 54 -9.86 -28.22 -13.59
N ARG A 55 -10.76 -29.19 -13.81
CA ARG A 55 -10.36 -30.61 -13.80
C ARG A 55 -9.42 -31.01 -14.93
N GLU A 56 -9.64 -30.43 -16.10
CA GLU A 56 -8.88 -30.80 -17.29
C GLU A 56 -7.55 -30.06 -17.34
N THR A 57 -7.56 -28.80 -16.94
CA THR A 57 -6.38 -27.95 -17.02
C THR A 57 -5.55 -27.97 -15.74
N GLY A 58 -6.21 -28.27 -14.62
CA GLY A 58 -5.55 -28.28 -13.34
C GLY A 58 -5.16 -26.87 -12.94
N TRP A 59 -6.02 -25.92 -13.27
CA TRP A 59 -5.83 -24.53 -12.89
C TRP A 59 -6.43 -24.25 -11.53
N LEU A 60 -5.58 -23.89 -10.57
CA LEU A 60 -6.03 -23.39 -9.28
C LEU A 60 -6.59 -22.00 -9.51
N LYS A 61 -7.72 -21.71 -8.88
CA LYS A 61 -8.27 -20.37 -8.94
C LYS A 61 -9.08 -20.05 -7.70
N VAL A 62 -9.21 -18.77 -7.41
CA VAL A 62 -9.98 -18.34 -6.26
C VAL A 62 -11.26 -17.66 -6.75
N THR A 63 -12.27 -17.69 -5.89
CA THR A 63 -13.62 -17.32 -6.29
C THR A 63 -14.05 -16.03 -5.58
N GLN A 64 -13.92 -16.01 -4.26
CA GLN A 64 -14.23 -14.84 -3.46
C GLN A 64 -13.03 -13.91 -3.46
N PRO A 65 -13.14 -12.80 -2.72
CA PRO A 65 -11.95 -12.10 -2.22
C PRO A 65 -11.65 -12.65 -0.84
N LEU A 66 -10.38 -12.94 -0.58
CA LEU A 66 -10.04 -13.59 0.68
C LEU A 66 -10.06 -12.57 1.82
N ASP A 67 -10.20 -13.03 3.07
CA ASP A 67 -10.01 -12.15 4.24
C ASP A 67 -9.01 -12.75 5.20
N ARG A 68 -7.92 -12.00 5.44
CA ARG A 68 -6.82 -12.50 6.24
C ARG A 68 -7.15 -12.65 7.71
N GLU A 69 -7.98 -11.74 8.23
CA GLU A 69 -8.39 -11.79 9.63
C GLU A 69 -9.20 -13.06 9.87
N ALA A 70 -9.96 -13.45 8.84
CA ALA A 70 -10.82 -14.63 8.87
C ALA A 70 -10.00 -15.91 8.73
N ILE A 71 -9.52 -16.16 7.51
CA ILE A 71 -8.59 -17.24 7.26
C ILE A 71 -7.30 -16.60 6.72
N ALA A 72 -6.20 -16.78 7.43
CA ALA A 72 -4.92 -16.16 7.06
C ALA A 72 -4.02 -17.06 6.21
N LYS A 73 -4.34 -18.34 6.17
CA LYS A 73 -3.55 -19.36 5.50
C LYS A 73 -4.48 -20.45 5.00
N TYR A 74 -4.30 -20.86 3.76
CA TYR A 74 -5.06 -21.98 3.23
C TYR A 74 -4.12 -23.15 2.99
N ILE A 75 -4.51 -24.32 3.45
CA ILE A 75 -3.75 -25.50 3.12
C ILE A 75 -4.61 -26.43 2.28
N LEU A 76 -4.16 -26.66 1.05
CA LEU A 76 -4.94 -27.40 0.07
C LEU A 76 -4.17 -28.61 -0.39
N TYR A 77 -4.82 -29.48 -1.15
CA TYR A 77 -4.17 -30.65 -1.70
C TYR A 77 -4.64 -30.95 -3.11
N SER A 78 -3.70 -31.34 -3.97
CA SER A 78 -4.00 -31.62 -5.36
C SER A 78 -4.11 -33.12 -5.56
N HIS A 79 -5.04 -33.55 -6.41
CA HIS A 79 -5.21 -34.97 -6.68
C HIS A 79 -5.23 -35.25 -8.17
N ALA A 80 -4.42 -36.20 -8.60
CA ALA A 80 -4.49 -36.67 -9.98
C ALA A 80 -5.13 -38.06 -10.05
N VAL A 81 -6.15 -38.18 -10.89
CA VAL A 81 -6.88 -39.42 -11.06
C VAL A 81 -7.12 -39.61 -12.55
N SER A 82 -6.72 -40.77 -13.07
CA SER A 82 -6.86 -41.01 -14.49
C SER A 82 -8.33 -41.05 -14.84
N SER A 83 -8.62 -41.16 -16.14
CA SER A 83 -10.00 -41.28 -16.56
C SER A 83 -10.51 -42.68 -16.26
N ASN A 84 -9.66 -43.50 -15.64
CA ASN A 84 -10.05 -44.85 -15.23
C ASN A 84 -10.18 -45.00 -13.72
N GLY A 85 -10.17 -43.87 -13.03
CA GLY A 85 -10.42 -43.85 -11.61
C GLY A 85 -9.20 -44.12 -10.77
N GLU A 86 -8.13 -44.57 -11.40
CA GLU A 86 -6.92 -44.82 -10.63
C GLU A 86 -6.21 -43.53 -10.32
N ALA A 87 -6.00 -43.28 -9.03
CA ALA A 87 -5.28 -42.09 -8.63
C ALA A 87 -3.90 -42.17 -9.22
N VAL A 88 -3.61 -41.27 -10.14
CA VAL A 88 -2.35 -41.28 -10.84
C VAL A 88 -1.18 -40.80 -9.96
N GLU A 89 -1.44 -39.82 -9.10
CA GLU A 89 -0.38 -39.18 -8.32
C GLU A 89 -0.65 -39.21 -6.82
N ASP A 90 0.32 -38.75 -6.03
CA ASP A 90 0.12 -38.52 -4.60
C ASP A 90 -0.33 -37.08 -4.33
N PRO A 91 -1.26 -36.89 -3.38
CA PRO A 91 -1.80 -35.54 -3.13
C PRO A 91 -0.69 -34.56 -2.83
N MET A 92 -0.78 -33.36 -3.40
CA MET A 92 0.26 -32.36 -3.18
C MET A 92 -0.26 -31.22 -2.31
N GLU A 93 0.39 -31.02 -1.18
CA GLU A 93 0.04 -29.93 -0.30
C GLU A 93 0.25 -28.62 -1.02
N ILE A 94 -0.81 -27.80 -1.06
CA ILE A 94 -0.71 -26.47 -1.62
C ILE A 94 -1.06 -25.47 -0.55
N VAL A 95 -0.12 -24.57 -0.26
CA VAL A 95 -0.29 -23.64 0.84
C VAL A 95 -0.47 -22.21 0.35
N ILE A 96 -1.51 -21.57 0.86
CA ILE A 96 -1.87 -20.23 0.42
C ILE A 96 -1.92 -19.25 1.57
N THR A 97 -0.95 -18.35 1.60
CA THR A 97 -0.91 -17.30 2.60
C THR A 97 -1.65 -16.05 2.14
N VAL A 98 -2.65 -15.63 2.91
CA VAL A 98 -3.37 -14.40 2.62
C VAL A 98 -2.54 -13.25 3.15
N THR A 99 -2.12 -12.33 2.27
CA THR A 99 -1.41 -11.15 2.75
C THR A 99 -2.39 -10.16 3.38
N ASP A 100 -1.86 -9.11 3.99
CA ASP A 100 -2.68 -8.23 4.81
C ASP A 100 -3.05 -6.93 4.13
N GLN A 101 -4.12 -6.31 4.63
CA GLN A 101 -4.52 -4.98 4.18
C GLN A 101 -4.96 -4.14 5.37
N ASN A 102 -4.59 -2.87 5.39
CA ASN A 102 -4.97 -2.01 6.50
C ASN A 102 -6.45 -1.74 6.43
N ASP A 103 -7.21 -2.53 7.17
CA ASP A 103 -8.65 -2.51 7.00
C ASP A 103 -9.29 -2.68 8.36
N ASN A 104 -8.49 -2.53 9.40
CA ASN A 104 -8.97 -2.63 10.78
C ASN A 104 -8.49 -1.48 11.67
N ARG A 105 -9.27 -0.40 11.69
CA ARG A 105 -8.96 0.70 12.59
C ARG A 105 -8.77 0.17 14.00
N PRO A 106 -7.86 0.77 14.76
CA PRO A 106 -7.56 0.25 16.08
C PRO A 106 -8.76 0.42 16.99
N GLU A 107 -8.63 0.10 18.28
CA GLU A 107 -9.71 0.36 19.24
C GLU A 107 -9.31 0.29 20.73
N PHE A 108 -9.57 1.38 21.45
CA PHE A 108 -9.19 1.48 22.85
C PHE A 108 -9.85 0.40 23.70
N THR A 109 -9.02 -0.44 24.32
CA THR A 109 -9.48 -1.49 25.24
C THR A 109 -10.56 -1.02 26.23
N GLN A 110 -10.63 0.28 26.46
CA GLN A 110 -11.63 0.83 27.33
C GLN A 110 -12.30 2.02 26.69
N GLU A 111 -13.61 2.04 26.79
CA GLU A 111 -14.41 3.15 26.34
C GLU A 111 -13.91 4.39 27.06
N VAL A 112 -13.66 4.24 28.36
CA VAL A 112 -13.20 5.36 29.14
C VAL A 112 -12.15 4.95 30.16
N PHE A 113 -11.04 5.68 30.16
CA PHE A 113 -9.92 5.38 31.03
C PHE A 113 -9.87 6.37 32.19
N GLU A 114 -9.82 5.82 33.39
CA GLU A 114 -9.74 6.63 34.58
C GLU A 114 -8.29 6.89 34.96
N GLY A 115 -8.04 7.97 35.68
CA GLY A 115 -6.70 8.32 36.05
C GLY A 115 -6.68 9.29 37.21
N SER A 116 -5.52 9.40 37.85
CA SER A 116 -5.38 10.26 39.00
C SER A 116 -3.97 10.81 39.11
N VAL A 117 -3.86 12.10 39.40
CA VAL A 117 -2.57 12.74 39.60
C VAL A 117 -2.63 13.71 40.76
N ALA A 118 -1.53 13.86 41.47
CA ALA A 118 -1.47 14.75 42.61
C ALA A 118 -1.42 16.20 42.14
N GLU A 119 -2.10 17.07 42.90
CA GLU A 119 -2.15 18.50 42.67
C GLU A 119 -0.68 18.94 42.64
N GLY A 120 -0.34 19.85 41.74
CA GLY A 120 1.02 20.36 41.60
C GLY A 120 2.09 19.29 41.54
N ALA A 121 1.94 18.34 40.61
CA ALA A 121 3.01 17.38 40.34
C ALA A 121 3.96 17.98 39.32
N VAL A 122 5.18 17.44 39.23
CA VAL A 122 6.24 17.99 38.39
C VAL A 122 6.00 17.74 36.91
N PRO A 123 6.15 18.78 36.08
CA PRO A 123 6.00 18.56 34.64
C PRO A 123 6.98 17.49 34.19
N GLY A 124 6.45 16.44 33.57
CA GLY A 124 7.23 15.27 33.21
C GLY A 124 6.78 14.07 34.02
N THR A 125 5.98 14.32 35.06
CA THR A 125 5.53 13.24 35.90
C THR A 125 4.42 12.45 35.22
N SER A 126 4.38 11.14 35.44
CA SER A 126 3.51 10.22 34.69
C SER A 126 2.19 9.93 35.36
N VAL A 127 1.09 10.15 34.65
CA VAL A 127 -0.26 10.13 35.24
C VAL A 127 -0.99 8.79 35.09
N MET A 128 -0.99 8.26 33.88
CA MET A 128 -1.67 7.00 33.56
C MET A 128 -1.26 6.44 32.19
N LYS A 129 -1.93 5.36 31.80
CA LYS A 129 -1.57 4.61 30.59
C LYS A 129 -2.83 4.13 29.88
N VAL A 130 -3.03 4.60 28.64
CA VAL A 130 -4.14 4.16 27.84
C VAL A 130 -3.62 3.20 26.79
N SER A 131 -4.56 2.61 26.04
CA SER A 131 -4.19 1.60 25.08
C SER A 131 -5.23 1.34 24.01
N ALA A 132 -4.77 0.98 22.80
CA ALA A 132 -5.65 0.44 21.77
C ALA A 132 -5.00 -0.76 21.10
N THR A 133 -5.76 -1.44 20.25
CA THR A 133 -5.31 -2.67 19.60
C THR A 133 -5.88 -2.88 18.19
N ASP A 134 -4.99 -3.19 17.26
CA ASP A 134 -5.33 -3.29 15.84
C ASP A 134 -5.40 -4.76 15.42
N ALA A 135 -6.31 -5.08 14.50
CA ALA A 135 -6.52 -6.46 14.08
C ALA A 135 -5.68 -6.86 12.89
N ASP A 136 -4.94 -5.91 12.32
CA ASP A 136 -4.15 -6.16 11.12
C ASP A 136 -2.78 -6.79 11.41
N ASP A 137 -1.98 -6.93 10.36
CA ASP A 137 -0.72 -7.67 10.40
C ASP A 137 0.44 -6.86 10.99
N ASP A 138 0.67 -6.99 12.29
CA ASP A 138 1.71 -6.21 12.95
C ASP A 138 3.09 -6.80 12.76
N VAL A 139 3.15 -8.08 12.40
CA VAL A 139 4.45 -8.70 12.18
C VAL A 139 5.04 -8.26 10.84
N ASN A 140 4.17 -7.92 9.90
CA ASN A 140 4.62 -7.63 8.54
C ASN A 140 4.16 -6.30 7.97
N THR A 141 3.33 -5.56 8.70
CA THR A 141 2.88 -4.23 8.26
C THR A 141 2.70 -3.20 9.37
N TYR A 142 2.77 -1.94 8.98
CA TYR A 142 2.50 -0.84 9.90
C TYR A 142 1.00 -0.64 10.08
N ASN A 143 0.23 -1.54 9.49
CA ASN A 143 -1.23 -1.56 9.59
C ASN A 143 -1.67 -1.74 11.02
N ALA A 144 -0.76 -2.19 11.88
CA ALA A 144 -1.11 -2.43 13.27
C ALA A 144 -0.30 -1.50 14.16
N ALA A 145 0.45 -0.60 13.53
CA ALA A 145 1.29 0.34 14.25
C ALA A 145 0.43 1.49 14.70
N ILE A 146 0.22 1.61 16.00
CA ILE A 146 -0.64 2.65 16.52
C ILE A 146 0.17 3.85 17.05
N ALA A 147 -0.40 5.04 16.92
CA ALA A 147 0.18 6.23 17.51
C ALA A 147 -0.87 6.99 18.31
N TYR A 148 -0.77 6.91 19.63
CA TYR A 148 -1.69 7.60 20.52
C TYR A 148 -1.45 9.10 20.49
N THR A 149 -2.54 9.85 20.36
CA THR A 149 -2.47 11.28 20.28
C THR A 149 -3.61 11.83 21.10
N ILE A 150 -3.41 13.00 21.72
CA ILE A 150 -4.50 13.64 22.48
C ILE A 150 -5.23 14.65 21.63
N VAL A 151 -6.54 14.48 21.58
CA VAL A 151 -7.41 15.26 20.72
C VAL A 151 -7.82 16.55 21.43
N SER A 152 -8.40 16.40 22.62
CA SER A 152 -8.90 17.56 23.35
C SER A 152 -8.91 17.36 24.87
N GLN A 153 -8.45 18.41 25.57
CA GLN A 153 -8.50 18.49 27.03
C GLN A 153 -9.67 19.34 27.49
N ASP A 154 -10.34 18.86 28.54
CA ASP A 154 -11.39 19.63 29.17
C ASP A 154 -11.13 19.75 30.66
N PRO A 155 -10.93 20.99 31.13
CA PRO A 155 -11.05 22.21 30.31
C PRO A 155 -9.72 22.71 29.78
N GLU A 156 -9.78 23.71 28.91
CA GLU A 156 -8.59 24.19 28.23
C GLU A 156 -7.69 25.06 29.12
N LEU A 157 -7.87 24.96 30.43
CA LEU A 157 -7.09 25.77 31.36
C LEU A 157 -6.65 25.01 32.60
N PRO A 158 -5.71 25.57 33.36
CA PRO A 158 -5.04 26.88 33.19
C PRO A 158 -4.42 27.04 31.83
N HIS A 159 -4.08 25.90 31.22
CA HIS A 159 -3.40 25.91 29.94
C HIS A 159 -4.09 24.99 28.94
N LYS A 160 -3.89 25.28 27.67
CA LYS A 160 -4.53 24.57 26.57
C LYS A 160 -4.26 23.08 26.62
N ASN A 161 -3.09 22.71 27.14
CA ASN A 161 -2.71 21.30 27.19
C ASN A 161 -1.78 20.97 28.34
N MET A 162 -2.40 20.46 29.40
CA MET A 162 -1.69 20.13 30.61
C MET A 162 -0.94 18.82 30.45
N PHE A 163 -1.52 17.88 29.70
CA PHE A 163 -0.96 16.55 29.59
C PHE A 163 -0.55 16.22 28.17
N THR A 164 0.47 15.37 28.05
CA THR A 164 0.83 14.82 26.75
C THR A 164 0.80 13.29 26.83
N VAL A 165 0.66 12.61 25.68
CA VAL A 165 0.69 11.15 25.66
C VAL A 165 1.93 10.61 24.94
N ASN A 166 2.48 9.50 25.46
CA ASN A 166 3.63 8.89 24.83
C ASN A 166 3.23 8.23 23.53
N ARG A 167 3.60 8.86 22.43
CA ARG A 167 3.00 8.57 21.13
C ARG A 167 2.58 7.12 21.03
N ASP A 168 3.57 6.24 21.15
CA ASP A 168 3.33 4.83 20.88
C ASP A 168 3.38 3.99 22.15
N THR A 169 3.20 4.62 23.30
CA THR A 169 3.18 3.91 24.57
C THR A 169 1.84 4.05 25.29
N GLY A 170 1.05 5.04 24.90
CA GLY A 170 -0.26 5.25 25.48
C GLY A 170 -0.21 5.97 26.81
N VAL A 171 0.98 6.05 27.40
CA VAL A 171 1.14 6.74 28.66
C VAL A 171 0.77 8.21 28.55
N ILE A 172 0.01 8.70 29.52
CA ILE A 172 -0.31 10.13 29.63
C ILE A 172 0.36 10.70 30.87
N SER A 173 1.13 11.77 30.65
CA SER A 173 1.89 12.43 31.71
C SER A 173 1.75 13.94 31.66
N VAL A 174 2.15 14.58 32.76
CA VAL A 174 1.99 16.01 32.97
C VAL A 174 2.93 16.85 32.12
N LEU A 175 2.42 17.38 31.03
CA LEU A 175 3.23 18.18 30.12
C LEU A 175 3.77 19.42 30.82
N THR A 176 2.87 20.34 31.18
CA THR A 176 3.27 21.52 31.95
C THR A 176 2.61 21.58 33.32
N SER A 177 2.92 22.67 34.03
CA SER A 177 2.53 22.83 35.41
C SER A 177 1.36 23.82 35.59
N GLY A 178 0.55 23.57 36.62
CA GLY A 178 -0.55 24.46 36.94
C GLY A 178 -1.72 23.64 37.42
N LEU A 179 -1.51 22.34 37.45
CA LEU A 179 -2.53 21.42 37.92
C LEU A 179 -2.96 21.74 39.34
N ASP A 180 -4.17 22.29 39.45
CA ASP A 180 -4.69 22.71 40.73
C ASP A 180 -5.94 21.90 41.08
N ARG A 181 -5.93 21.29 42.26
CA ARG A 181 -7.10 20.56 42.73
C ARG A 181 -8.13 21.58 43.13
N GLU A 182 -7.65 22.76 43.51
CA GLU A 182 -8.51 23.82 43.97
C GLU A 182 -9.24 24.56 42.85
N SER A 183 -8.66 24.60 41.65
CA SER A 183 -9.33 25.22 40.50
C SER A 183 -10.15 24.22 39.67
N TYR A 184 -9.46 23.19 39.18
CA TYR A 184 -10.07 22.18 38.32
C TYR A 184 -9.67 20.81 38.80
N PRO A 185 -10.53 20.15 39.58
CA PRO A 185 -10.25 18.88 40.26
C PRO A 185 -10.22 17.68 39.35
N THR A 186 -10.70 17.80 38.11
CA THR A 186 -10.67 16.68 37.15
C THR A 186 -10.59 17.20 35.73
N TYR A 187 -9.84 16.48 34.89
CA TYR A 187 -9.70 16.83 33.48
C TYR A 187 -10.21 15.70 32.64
N THR A 188 -10.76 16.00 31.48
CA THR A 188 -11.19 14.92 30.63
C THR A 188 -10.50 15.00 29.28
N LEU A 189 -9.99 13.86 28.82
CA LEU A 189 -9.15 13.80 27.65
C LEU A 189 -9.78 12.98 26.55
N VAL A 190 -9.69 13.49 25.34
CA VAL A 190 -10.08 12.73 24.19
C VAL A 190 -8.82 12.25 23.53
N VAL A 191 -8.51 10.97 23.71
CA VAL A 191 -7.27 10.39 23.22
C VAL A 191 -7.55 9.60 21.95
N GLN A 192 -6.57 9.56 21.05
CA GLN A 192 -6.77 8.98 19.74
C GLN A 192 -5.79 7.89 19.38
N ALA A 193 -6.25 6.90 18.63
CA ALA A 193 -5.41 5.79 18.17
C ALA A 193 -5.45 5.65 16.65
N ALA A 194 -4.44 6.18 15.97
CA ALA A 194 -4.37 5.99 14.52
C ALA A 194 -3.22 5.07 14.13
N ASP A 195 -3.52 4.08 13.29
CA ASP A 195 -2.53 3.13 12.84
C ASP A 195 -1.70 3.69 11.71
N LEU A 196 -0.95 2.82 11.04
CA LEU A 196 0.05 3.24 10.07
C LEU A 196 0.99 4.26 10.69
N GLN A 197 1.27 4.03 11.97
CA GLN A 197 2.12 4.91 12.76
C GLN A 197 1.47 6.26 13.04
N GLY A 198 0.15 6.32 12.95
CA GLY A 198 -0.58 7.52 13.29
C GLY A 198 -1.21 8.22 12.10
N GLU A 199 -0.83 7.81 10.90
CA GLU A 199 -1.35 8.43 9.69
C GLU A 199 -2.52 7.64 9.09
N GLY A 200 -2.84 6.50 9.69
CA GLY A 200 -3.82 5.58 9.12
C GLY A 200 -5.25 5.77 9.60
N LEU A 201 -5.89 4.69 10.01
CA LEU A 201 -7.23 4.77 10.55
C LEU A 201 -7.22 5.18 12.01
N SER A 202 -7.80 6.34 12.30
CA SER A 202 -7.90 6.82 13.69
C SER A 202 -9.19 6.39 14.36
N THR A 203 -9.15 6.27 15.68
CA THR A 203 -10.34 6.02 16.50
C THR A 203 -10.10 6.69 17.84
N THR A 204 -11.11 6.78 18.70
CA THR A 204 -11.01 7.69 19.83
C THR A 204 -11.76 7.28 21.09
N ALA A 205 -11.12 7.52 22.23
CA ALA A 205 -11.72 7.25 23.53
C ALA A 205 -11.48 8.36 24.53
N LYS A 206 -12.15 8.25 25.69
CA LYS A 206 -12.03 9.25 26.75
C LYS A 206 -11.03 8.85 27.83
N ALA A 207 -10.47 9.86 28.49
CA ALA A 207 -9.47 9.68 29.55
C ALA A 207 -9.80 10.69 30.61
N VAL A 208 -10.03 10.24 31.83
CA VAL A 208 -10.46 11.16 32.86
C VAL A 208 -9.54 11.15 34.05
N ILE A 209 -8.86 12.28 34.25
CA ILE A 209 -7.83 12.40 35.26
C ILE A 209 -8.20 13.42 36.30
N THR A 210 -8.42 12.95 37.52
CA THR A 210 -8.75 13.82 38.61
C THR A 210 -7.47 14.29 39.27
N VAL A 211 -7.36 15.60 39.49
CA VAL A 211 -6.23 16.12 40.22
C VAL A 211 -6.54 16.01 41.71
N LYS A 212 -5.60 15.39 42.43
CA LYS A 212 -5.78 15.03 43.81
C LYS A 212 -5.30 16.11 44.77
N ASP A 213 -5.51 15.88 46.06
CA ASP A 213 -5.26 16.90 47.08
C ASP A 213 -3.89 16.80 47.73
N ILE A 214 -3.39 17.96 48.14
CA ILE A 214 -2.11 18.03 48.79
C ILE A 214 -2.30 19.23 49.71
N ASN A 215 -1.45 19.35 50.74
CA ASN A 215 -1.62 20.41 51.72
C ASN A 215 -0.96 21.67 51.13
N ASP A 216 -1.53 22.17 50.04
CA ASP A 216 -0.91 23.23 49.27
C ASP A 216 -1.45 24.60 49.68
N ASN A 217 -2.49 24.58 50.52
CA ASN A 217 -3.08 25.81 51.03
C ASN A 217 -2.98 25.99 52.54
N ALA A 218 -2.35 27.08 52.94
CA ALA A 218 -2.22 27.43 54.34
C ALA A 218 -3.54 27.92 54.93
N PRO A 219 -3.81 27.58 56.21
CA PRO A 219 -5.05 28.01 56.86
C PRO A 219 -4.97 29.49 57.21
N VAL A 220 -5.99 30.27 56.86
CA VAL A 220 -5.95 31.71 57.12
C VAL A 220 -7.00 32.23 58.09
N PHE A 221 -6.53 33.02 59.06
CA PHE A 221 -7.41 33.67 60.02
C PHE A 221 -8.37 34.59 59.31
N ASN A 222 -9.66 34.28 59.41
CA ASN A 222 -10.70 35.12 58.81
C ASN A 222 -10.62 36.54 59.37
N PRO A 223 -10.76 36.69 60.71
CA PRO A 223 -10.34 37.90 61.42
C PRO A 223 -8.90 37.76 61.89
N SER A 224 -8.11 38.82 61.72
CA SER A 224 -6.70 38.78 62.06
C SER A 224 -6.47 39.15 63.51
N THR A 225 -7.23 40.13 63.98
CA THR A 225 -7.06 40.66 65.32
C THR A 225 -8.29 40.43 66.18
N TYR A 226 -8.03 40.04 67.43
CA TYR A 226 -9.06 39.64 68.36
C TYR A 226 -8.91 40.38 69.70
N GLN A 227 -9.85 40.13 70.63
CA GLN A 227 -9.78 40.68 71.99
C GLN A 227 -10.70 39.91 72.94
N GLY A 228 -10.28 39.79 74.20
CA GLY A 228 -11.01 39.02 75.19
C GLY A 228 -10.65 39.40 76.61
N GLN A 229 -11.61 39.26 77.50
CA GLN A 229 -11.40 39.57 78.90
C GLN A 229 -11.55 38.32 79.75
N VAL A 230 -10.65 38.13 80.70
CA VAL A 230 -10.80 37.00 81.60
C VAL A 230 -10.54 37.36 83.04
N PRO A 231 -11.31 36.79 83.96
CA PRO A 231 -11.06 36.93 85.39
C PRO A 231 -9.64 36.52 85.68
N GLU A 232 -9.18 36.77 86.91
CA GLU A 232 -7.77 36.58 87.25
C GLU A 232 -7.14 35.28 87.80
N ASN A 233 -7.83 34.60 88.71
CA ASN A 233 -7.50 33.21 89.01
C ASN A 233 -8.37 32.02 88.64
N GLU A 234 -9.10 32.13 87.54
CA GLU A 234 -9.80 30.98 87.01
C GLU A 234 -8.92 30.40 85.90
N VAL A 235 -9.06 29.10 85.68
CA VAL A 235 -8.26 28.34 84.68
C VAL A 235 -9.11 27.85 83.50
N ASN A 236 -8.47 27.67 82.34
CA ASN A 236 -9.19 27.41 81.08
C ASN A 236 -10.48 28.11 80.67
N ALA A 237 -10.52 29.43 80.88
CA ALA A 237 -11.65 30.28 80.48
C ALA A 237 -11.60 30.85 79.07
N ARG A 238 -12.63 30.59 78.26
CA ARG A 238 -12.64 31.15 76.92
C ARG A 238 -12.36 32.64 76.97
N ILE A 239 -11.32 33.06 76.25
CA ILE A 239 -11.03 34.47 76.06
C ILE A 239 -11.41 34.87 74.64
N ALA A 240 -11.21 33.95 73.70
CA ALA A 240 -11.53 34.21 72.30
C ALA A 240 -11.73 32.91 71.50
N THR A 241 -12.34 33.05 70.32
CA THR A 241 -12.49 31.94 69.37
C THR A 241 -11.86 32.37 68.06
N LEU A 242 -10.84 31.66 67.65
CA LEU A 242 -10.03 32.08 66.50
C LEU A 242 -10.59 31.49 65.22
N LYS A 243 -10.84 32.35 64.24
CA LYS A 243 -11.50 31.94 63.02
C LYS A 243 -10.52 31.82 61.86
N VAL A 244 -10.49 30.65 61.22
CA VAL A 244 -9.56 30.37 60.14
C VAL A 244 -10.25 29.66 58.99
N THR A 245 -9.68 29.83 57.80
CA THR A 245 -10.25 29.31 56.56
C THR A 245 -9.14 28.70 55.68
N ASP A 246 -9.26 27.40 55.42
CA ASP A 246 -8.22 26.63 54.71
C ASP A 246 -8.83 26.07 53.44
N ASP A 247 -8.21 26.34 52.30
CA ASP A 247 -8.82 26.00 51.02
C ASP A 247 -8.67 24.52 50.61
N ASP A 248 -7.97 23.73 51.40
CA ASP A 248 -7.71 22.34 51.03
C ASP A 248 -8.93 21.46 51.32
N ALA A 249 -8.79 20.15 51.11
CA ALA A 249 -9.86 19.18 51.34
C ALA A 249 -10.40 19.22 52.78
N PRO A 250 -11.64 19.65 52.95
CA PRO A 250 -12.29 19.73 54.27
C PRO A 250 -12.15 18.44 55.05
N ASN A 251 -12.02 18.55 56.36
CA ASN A 251 -11.90 17.40 57.25
C ASN A 251 -10.74 16.46 56.90
N THR A 252 -9.70 16.98 56.27
CA THR A 252 -8.47 16.21 56.10
C THR A 252 -7.35 16.87 56.88
N PRO A 253 -6.27 16.12 57.14
CA PRO A 253 -5.18 16.72 57.92
C PRO A 253 -4.57 17.87 57.16
N ALA A 254 -4.66 17.81 55.84
CA ALA A 254 -4.22 18.89 54.99
C ALA A 254 -5.21 20.03 55.10
N TRP A 255 -6.15 19.91 56.03
CA TRP A 255 -7.15 20.95 56.25
C TRP A 255 -7.33 21.31 57.71
N LYS A 256 -7.31 20.28 58.56
CA LYS A 256 -7.45 20.48 59.99
C LYS A 256 -6.45 21.54 60.49
N ALA A 257 -6.95 22.46 61.32
CA ALA A 257 -6.15 23.58 61.82
C ALA A 257 -5.46 23.25 63.12
N VAL A 258 -4.28 23.84 63.29
CA VAL A 258 -3.51 23.66 64.51
C VAL A 258 -2.99 24.98 65.02
N TYR A 259 -3.32 25.27 66.26
CA TYR A 259 -3.14 26.59 66.83
C TYR A 259 -2.02 26.63 67.84
N THR A 260 -1.16 27.63 67.69
CA THR A 260 0.01 27.75 68.54
C THR A 260 0.20 29.19 68.96
N VAL A 261 0.31 29.41 70.26
CA VAL A 261 0.67 30.72 70.75
C VAL A 261 2.17 30.83 70.73
N VAL A 262 2.65 31.92 70.13
CA VAL A 262 4.07 32.23 70.11
C VAL A 262 4.53 32.75 71.49
N ASN A 263 3.86 33.80 71.98
CA ASN A 263 4.13 34.42 73.28
C ASN A 263 3.65 33.42 74.31
N ASP A 264 4.48 32.44 74.61
CA ASP A 264 4.02 31.25 75.29
C ASP A 264 5.14 30.74 76.18
N PRO A 265 5.76 31.64 76.94
CA PRO A 265 7.01 31.19 77.56
C PRO A 265 6.70 30.40 78.81
N ASP A 266 5.71 30.86 79.57
CA ASP A 266 5.37 30.22 80.81
C ASP A 266 4.20 29.27 80.62
N GLN A 267 3.62 29.32 79.43
CA GLN A 267 2.44 28.53 79.08
C GLN A 267 1.24 28.84 79.96
N GLN A 268 0.74 30.07 79.87
CA GLN A 268 -0.46 30.46 80.61
C GLN A 268 -1.73 30.14 79.83
N PHE A 269 -1.65 30.24 78.50
CA PHE A 269 -2.83 30.10 77.66
C PHE A 269 -2.77 28.86 76.80
N VAL A 270 -3.90 28.22 76.59
CA VAL A 270 -3.98 27.13 75.64
C VAL A 270 -5.12 27.37 74.64
N VAL A 271 -4.88 27.05 73.36
CA VAL A 271 -5.92 27.21 72.34
C VAL A 271 -6.21 25.91 71.61
N VAL A 272 -7.41 25.37 71.80
CA VAL A 272 -7.82 24.13 71.15
C VAL A 272 -8.71 24.33 69.92
N THR A 273 -8.81 23.25 69.14
CA THR A 273 -9.40 23.30 67.80
C THR A 273 -10.72 22.57 67.76
N ASP A 274 -11.75 23.29 67.34
CA ASP A 274 -13.09 22.77 67.33
C ASP A 274 -13.22 21.81 66.18
N PRO A 275 -13.22 20.50 66.49
CA PRO A 275 -13.17 19.40 65.51
C PRO A 275 -13.81 19.78 64.19
N THR A 276 -15.05 20.24 64.26
CA THR A 276 -15.84 20.52 63.07
C THR A 276 -15.59 21.90 62.50
N THR A 277 -15.73 22.93 63.35
CA THR A 277 -15.58 24.30 62.91
C THR A 277 -14.11 24.65 62.72
N ASN A 278 -13.24 23.86 63.36
CA ASN A 278 -11.80 24.06 63.26
C ASN A 278 -11.36 25.40 63.85
N ASP A 279 -12.31 26.08 64.48
CA ASP A 279 -12.05 27.38 65.10
C ASP A 279 -11.09 27.16 66.25
N GLY A 280 -10.44 28.22 66.70
CA GLY A 280 -9.45 28.08 67.73
C GLY A 280 -9.87 28.70 69.02
N ILE A 281 -10.58 27.95 69.85
CA ILE A 281 -11.01 28.49 71.13
C ILE A 281 -9.83 28.71 72.08
N LEU A 282 -9.67 29.94 72.56
CA LEU A 282 -8.54 30.30 73.41
C LEU A 282 -8.90 30.27 74.89
N LYS A 283 -8.38 29.25 75.59
CA LYS A 283 -8.57 29.08 77.03
C LYS A 283 -7.34 29.60 77.73
N THR A 284 -7.21 29.27 79.00
CA THR A 284 -5.97 29.50 79.71
C THR A 284 -5.61 28.22 80.43
N ALA A 285 -4.34 27.83 80.34
CA ALA A 285 -3.90 26.61 81.01
C ALA A 285 -3.58 26.85 82.49
N LYS A 286 -3.45 28.13 82.85
CA LYS A 286 -3.08 28.49 84.20
C LYS A 286 -3.73 29.81 84.60
N GLY A 287 -3.99 29.98 85.89
CA GLY A 287 -4.63 31.17 86.39
C GLY A 287 -3.79 32.41 86.14
N LEU A 288 -4.39 33.39 85.49
CA LEU A 288 -3.66 34.62 85.19
C LEU A 288 -3.51 35.44 86.43
N ASP A 289 -2.72 36.51 86.35
CA ASP A 289 -2.61 37.41 87.49
C ASP A 289 -2.63 38.85 87.04
N PHE A 290 -3.49 39.62 87.70
CA PHE A 290 -3.75 40.97 87.28
C PHE A 290 -2.68 41.90 87.83
N GLU A 291 -2.38 41.68 89.09
CA GLU A 291 -1.38 42.46 89.79
C GLU A 291 0.01 42.19 89.23
N ALA A 292 0.15 41.11 88.47
CA ALA A 292 1.42 40.85 87.81
C ALA A 292 1.42 41.40 86.38
N LYS A 293 0.53 40.89 85.53
CA LYS A 293 0.37 41.45 84.18
C LYS A 293 -1.01 42.00 83.91
N GLN A 294 -1.05 43.31 83.70
CA GLN A 294 -2.24 44.04 83.27
C GLN A 294 -3.05 43.34 82.18
N GLN A 295 -2.41 43.14 81.03
CA GLN A 295 -3.08 42.53 79.86
C GLN A 295 -2.06 41.88 78.93
N TYR A 296 -2.43 40.76 78.32
CA TYR A 296 -1.51 40.05 77.44
C TYR A 296 -1.90 40.27 75.97
N ILE A 297 -0.92 40.60 75.15
CA ILE A 297 -1.14 40.68 73.71
C ILE A 297 -0.27 39.63 73.04
N LEU A 298 -0.89 38.52 72.68
CA LEU A 298 -0.18 37.36 72.15
C LEU A 298 -0.51 37.10 70.71
N HIS A 299 0.48 36.55 70.00
CA HIS A 299 0.28 36.12 68.63
C HIS A 299 0.04 34.62 68.63
N VAL A 300 -1.00 34.20 67.92
CA VAL A 300 -1.26 32.79 67.75
C VAL A 300 -1.31 32.48 66.28
N ARG A 301 -0.50 31.51 65.87
CA ARG A 301 -0.46 31.13 64.49
C ARG A 301 -1.23 29.84 64.30
N VAL A 302 -1.76 29.68 63.09
CA VAL A 302 -2.37 28.42 62.74
C VAL A 302 -1.62 27.86 61.54
N GLU A 303 -1.08 26.67 61.74
CA GLU A 303 -0.54 25.89 60.66
C GLU A 303 -1.53 24.74 60.55
N ASN A 304 -1.17 23.72 59.78
CA ASN A 304 -2.08 22.65 59.46
C ASN A 304 -1.66 21.34 60.09
N GLU A 305 -2.61 20.41 60.19
CA GLU A 305 -2.35 19.12 60.83
C GLU A 305 -1.23 18.33 60.15
N GLU A 306 -1.23 18.31 58.83
CA GLU A 306 -0.12 17.71 58.12
C GLU A 306 0.82 18.82 57.61
N PRO A 307 2.11 18.49 57.47
CA PRO A 307 3.12 19.41 56.95
C PRO A 307 2.69 20.07 55.66
N PHE A 308 2.97 21.37 55.54
CA PHE A 308 2.68 22.12 54.32
C PHE A 308 3.49 21.56 53.18
N GLU A 309 3.19 22.03 51.97
CA GLU A 309 4.00 21.67 50.83
C GLU A 309 4.81 22.85 50.33
N GLY A 310 6.03 22.96 50.84
CA GLY A 310 7.03 23.87 50.29
C GLY A 310 7.37 25.22 50.89
N SER A 311 6.96 26.29 50.20
CA SER A 311 7.03 27.63 50.77
C SER A 311 5.97 27.60 51.87
N LEU A 312 6.45 27.57 53.11
CA LEU A 312 5.60 27.46 54.27
C LEU A 312 5.63 28.79 55.00
N VAL A 313 4.56 29.54 54.89
CA VAL A 313 4.51 30.81 55.60
C VAL A 313 3.18 30.87 56.38
N PRO A 314 3.18 30.36 57.64
CA PRO A 314 2.04 30.28 58.57
C PRO A 314 1.39 31.61 58.91
N SER A 315 0.07 31.59 59.04
CA SER A 315 -0.70 32.79 59.35
C SER A 315 -0.87 32.96 60.86
N THR A 316 -0.81 34.20 61.33
CA THR A 316 -1.00 34.53 62.73
C THR A 316 -2.03 35.60 62.98
N ALA A 317 -2.84 35.46 64.01
CA ALA A 317 -3.70 36.56 64.41
C ALA A 317 -3.23 37.12 65.74
N THR A 318 -3.72 38.30 66.11
CA THR A 318 -3.24 38.95 67.31
C THR A 318 -4.33 39.23 68.34
N VAL A 319 -4.45 38.38 69.34
CA VAL A 319 -5.47 38.50 70.39
C VAL A 319 -4.96 39.23 71.63
N THR A 320 -5.67 40.30 72.03
CA THR A 320 -5.35 41.07 73.24
C THR A 320 -6.20 40.60 74.41
N VAL A 321 -5.55 40.03 75.41
CA VAL A 321 -6.23 39.45 76.55
C VAL A 321 -6.21 40.45 77.69
N ASP A 322 -7.34 41.12 77.87
CA ASP A 322 -7.54 42.03 78.99
C ASP A 322 -7.89 41.18 80.20
N VAL A 323 -7.03 41.20 81.22
CA VAL A 323 -7.26 40.44 82.44
C VAL A 323 -8.17 41.23 83.38
N VAL A 324 -9.00 40.52 84.13
CA VAL A 324 -9.93 41.14 85.07
C VAL A 324 -9.39 41.02 86.51
N ASP A 325 -9.10 42.16 87.14
CA ASP A 325 -8.64 42.21 88.54
C ASP A 325 -9.79 41.80 89.44
N VAL A 326 -9.54 40.82 90.31
CA VAL A 326 -10.57 40.38 91.23
C VAL A 326 -10.12 40.62 92.67
N ASN A 327 -11.04 41.02 93.54
CA ASN A 327 -10.65 41.32 94.92
C ASN A 327 -10.11 40.08 95.64
N GLU A 328 -8.84 40.11 95.99
CA GLU A 328 -8.18 38.99 96.64
C GLU A 328 -8.01 39.26 98.14
N ALA A 329 -8.25 38.24 98.96
CA ALA A 329 -8.21 38.40 100.40
C ALA A 329 -6.80 38.74 100.87
N PRO A 330 -6.69 39.71 101.80
CA PRO A 330 -5.48 40.22 102.46
C PRO A 330 -4.65 39.16 103.21
N ILE A 331 -3.33 39.35 103.20
CA ILE A 331 -2.41 38.37 103.79
C ILE A 331 -1.72 38.94 105.01
N PHE A 332 -1.96 38.33 106.17
CA PHE A 332 -1.25 38.77 107.35
C PHE A 332 0.23 38.47 107.11
N MET A 333 1.08 39.33 107.65
CA MET A 333 2.52 39.19 107.49
C MET A 333 3.22 39.16 108.85
N PRO A 334 3.58 37.95 109.32
CA PRO A 334 3.42 36.70 108.59
C PRO A 334 2.04 36.14 108.84
N ALA A 335 1.76 34.99 108.28
CA ALA A 335 0.47 34.37 108.52
C ALA A 335 0.46 33.76 109.92
N GLU A 336 1.63 33.40 110.42
CA GLU A 336 1.70 32.77 111.73
C GLU A 336 2.58 33.58 112.70
N ARG A 337 2.02 34.65 113.28
CA ARG A 337 2.79 35.54 114.17
C ARG A 337 3.04 34.95 115.53
N ARG A 338 4.30 34.88 115.94
CA ARG A 338 4.64 34.35 117.25
C ARG A 338 5.31 35.42 118.09
N VAL A 339 4.83 35.61 119.32
CA VAL A 339 5.47 36.55 120.24
C VAL A 339 5.54 36.00 121.65
N GLU A 340 6.74 36.04 122.23
CA GLU A 340 6.88 35.69 123.63
C GLU A 340 6.38 36.83 124.47
N VAL A 341 5.44 36.53 125.35
CA VAL A 341 5.01 37.52 126.32
C VAL A 341 4.83 36.84 127.67
N PRO A 342 5.26 37.53 128.72
CA PRO A 342 5.19 36.97 130.07
C PRO A 342 3.74 36.81 130.48
N GLU A 343 3.50 35.88 131.40
CA GLU A 343 2.18 35.59 131.90
C GLU A 343 1.63 36.79 132.69
N ASP A 344 2.54 37.70 133.06
CA ASP A 344 2.27 38.88 133.88
C ASP A 344 1.62 40.05 133.18
N PHE A 345 1.65 39.99 131.84
CA PHE A 345 1.29 41.12 130.98
C PHE A 345 0.05 41.83 131.53
N GLY A 346 0.21 43.12 131.77
CA GLY A 346 -0.85 43.95 132.31
C GLY A 346 -2.10 43.89 131.45
N VAL A 347 -3.21 44.21 132.10
CA VAL A 347 -4.51 44.24 131.45
C VAL A 347 -4.50 44.99 130.12
N GLY A 348 -4.28 46.29 130.16
CA GLY A 348 -4.42 47.12 128.97
C GLY A 348 -3.18 47.19 128.10
N GLN A 349 -2.12 46.51 128.54
CA GLN A 349 -0.83 46.51 127.83
C GLN A 349 -0.97 45.92 126.42
N GLU A 350 -0.39 46.57 125.41
CA GLU A 350 -0.46 46.07 124.02
C GLU A 350 0.60 45.00 123.70
N ILE A 351 0.13 43.83 123.29
CA ILE A 351 0.99 42.70 122.97
C ILE A 351 1.79 42.93 121.69
N THR A 352 1.11 43.06 120.55
CA THR A 352 1.82 43.41 119.31
C THR A 352 0.87 44.01 118.27
N SER A 353 1.45 44.56 117.21
CA SER A 353 0.67 44.94 116.03
C SER A 353 0.78 43.88 114.95
N TYR A 354 -0.33 43.20 114.70
CA TYR A 354 -0.40 42.13 113.70
C TYR A 354 -1.19 42.67 112.51
N THR A 355 -0.54 42.87 111.38
CA THR A 355 -1.17 43.49 110.24
C THR A 355 -1.05 42.71 108.95
N ALA A 356 -2.09 42.80 108.12
CA ALA A 356 -2.16 42.14 106.82
C ALA A 356 -1.89 43.07 105.63
N ARG A 357 -1.34 42.50 104.56
CA ARG A 357 -1.07 43.22 103.32
C ARG A 357 -2.35 43.27 102.49
N GLU A 358 -2.48 44.26 101.61
CA GLU A 358 -3.56 44.22 100.61
C GLU A 358 -3.01 43.72 99.30
N PRO A 359 -3.52 42.56 98.86
CA PRO A 359 -3.07 41.91 97.62
C PRO A 359 -3.56 42.65 96.38
N ASP A 360 -4.72 43.28 96.51
CA ASP A 360 -5.37 44.03 95.44
C ASP A 360 -4.76 45.41 95.26
N THR A 361 -4.27 45.69 94.07
CA THR A 361 -3.60 46.95 93.88
C THR A 361 -4.44 47.97 93.11
N PHE A 362 -5.73 48.01 93.47
CA PHE A 362 -6.53 49.18 93.21
C PHE A 362 -6.68 49.88 94.55
N MET A 363 -6.28 51.15 94.60
CA MET A 363 -6.24 51.88 95.86
C MET A 363 -7.57 52.34 96.44
N ASP A 364 -8.41 51.36 96.73
CA ASP A 364 -9.76 51.59 97.23
C ASP A 364 -10.07 50.59 98.34
N GLN A 365 -9.02 49.90 98.78
CA GLN A 365 -9.13 48.81 99.75
C GLN A 365 -8.84 49.26 101.19
N LYS A 366 -9.74 48.96 102.11
CA LYS A 366 -9.59 49.37 103.51
C LYS A 366 -9.57 48.21 104.50
N ILE A 367 -8.39 47.71 104.81
CA ILE A 367 -8.22 46.55 105.67
C ILE A 367 -8.69 46.81 107.10
N THR A 368 -9.67 46.04 107.56
CA THR A 368 -10.27 46.30 108.85
C THR A 368 -10.26 45.08 109.75
N TYR A 369 -9.29 45.06 110.65
CA TYR A 369 -9.02 43.90 111.50
C TYR A 369 -10.11 43.71 112.54
N ARG A 370 -10.57 42.49 112.66
CA ARG A 370 -11.46 42.11 113.74
C ARG A 370 -10.93 40.81 114.31
N ILE A 371 -11.10 40.61 115.61
CA ILE A 371 -10.62 39.39 116.22
C ILE A 371 -11.58 38.23 115.96
N TRP A 372 -11.03 37.08 115.60
CA TRP A 372 -11.87 35.95 115.24
C TRP A 372 -12.03 34.98 116.41
N ARG A 373 -10.93 34.38 116.88
CA ARG A 373 -11.09 33.37 117.92
C ARG A 373 -10.11 33.48 119.10
N ASP A 374 -10.69 33.70 120.28
CA ASP A 374 -9.96 33.59 121.54
C ASP A 374 -10.92 33.06 122.59
N THR A 375 -10.65 31.85 123.06
CA THR A 375 -11.55 31.18 123.97
C THR A 375 -11.42 31.69 125.40
N ALA A 376 -10.54 32.65 125.61
CA ALA A 376 -10.32 33.17 126.95
C ALA A 376 -10.68 34.65 127.04
N ASN A 377 -10.92 35.26 125.89
CA ASN A 377 -11.19 36.71 125.81
C ASN A 377 -10.08 37.54 126.44
N TRP A 378 -8.87 37.00 126.43
CA TRP A 378 -7.74 37.72 126.99
C TRP A 378 -7.36 38.85 126.08
N LEU A 379 -8.03 38.96 124.94
CA LEU A 379 -7.53 39.80 123.86
C LEU A 379 -8.51 40.86 123.34
N GLU A 380 -7.93 41.89 122.73
CA GLU A 380 -8.64 43.03 122.17
C GLU A 380 -7.81 43.72 121.08
N ILE A 381 -8.42 43.95 119.92
CA ILE A 381 -7.70 44.41 118.74
C ILE A 381 -8.25 45.73 118.22
N ASN A 382 -7.37 46.56 117.71
CA ASN A 382 -7.78 47.79 117.05
C ASN A 382 -8.14 47.48 115.61
N PRO A 383 -9.42 47.68 115.27
CA PRO A 383 -10.00 47.55 113.93
C PRO A 383 -9.27 48.38 112.90
N GLU A 384 -8.43 49.29 113.37
CA GLU A 384 -7.71 50.17 112.47
C GLU A 384 -6.30 49.68 112.23
N THR A 385 -5.50 49.63 113.30
CA THR A 385 -4.08 49.32 113.16
C THR A 385 -3.78 47.90 113.60
N GLY A 386 -4.83 47.13 113.82
CA GLY A 386 -4.69 45.72 114.12
C GLY A 386 -3.71 45.46 115.24
N ALA A 387 -3.67 46.38 116.20
CA ALA A 387 -2.86 46.21 117.39
C ALA A 387 -3.68 45.43 118.39
N ILE A 388 -3.02 44.51 119.08
CA ILE A 388 -3.69 43.61 120.00
C ILE A 388 -3.21 43.90 121.41
N PHE A 389 -4.01 44.64 122.17
CA PHE A 389 -3.73 44.74 123.60
C PHE A 389 -4.57 43.74 124.39
N THR A 390 -4.13 43.47 125.61
CA THR A 390 -4.82 42.56 126.51
C THR A 390 -6.09 43.22 127.04
N ARG A 391 -6.93 42.41 127.66
CA ARG A 391 -8.17 42.92 128.24
C ARG A 391 -8.45 42.22 129.55
N ALA A 392 -7.70 41.14 129.82
CA ALA A 392 -7.82 40.42 131.09
C ALA A 392 -6.49 39.79 131.52
N GLU A 393 -6.50 39.12 132.67
CA GLU A 393 -5.31 38.44 133.18
C GLU A 393 -5.07 37.13 132.44
N MET A 394 -3.85 36.97 131.93
CA MET A 394 -3.45 35.77 131.20
C MET A 394 -2.71 34.84 132.12
N ASP A 395 -2.98 33.54 132.00
CA ASP A 395 -2.29 32.55 132.83
C ASP A 395 -1.60 31.48 131.96
N ARG A 396 -0.29 31.30 132.15
CA ARG A 396 0.48 30.30 131.40
C ARG A 396 0.03 28.87 131.74
N GLU A 397 -0.51 28.71 132.94
CA GLU A 397 -0.95 27.40 133.41
C GLU A 397 -2.46 27.29 133.48
N ASP A 398 -3.15 28.02 132.60
CA ASP A 398 -4.59 27.85 132.46
C ASP A 398 -4.78 26.67 131.53
N ALA A 399 -4.58 25.47 132.05
CA ALA A 399 -4.47 24.26 131.21
C ALA A 399 -5.67 23.99 130.32
N GLU A 400 -6.81 24.60 130.65
CA GLU A 400 -8.05 24.32 129.92
C GLU A 400 -7.91 24.68 128.46
N HIS A 401 -7.54 25.93 128.20
CA HIS A 401 -7.31 26.36 126.85
C HIS A 401 -5.95 27.04 126.62
N VAL A 402 -4.97 26.67 127.44
CA VAL A 402 -3.59 26.90 127.05
C VAL A 402 -2.93 25.54 127.00
N LYS A 403 -3.40 24.76 126.04
CA LYS A 403 -3.02 23.36 125.88
C LYS A 403 -1.53 23.17 126.09
N ASN A 404 -0.72 23.75 125.20
CA ASN A 404 0.71 23.79 125.45
C ASN A 404 1.15 25.14 125.95
N SER A 405 2.46 25.37 125.90
CA SER A 405 3.06 26.59 126.37
C SER A 405 2.41 27.88 125.82
N THR A 406 1.71 27.74 124.70
CA THR A 406 1.21 28.86 123.94
C THR A 406 -0.31 28.99 123.99
N TYR A 407 -0.78 30.22 123.90
CA TYR A 407 -2.19 30.47 123.68
C TYR A 407 -2.29 30.90 122.23
N VAL A 408 -3.39 30.57 121.59
CA VAL A 408 -3.50 30.71 120.13
C VAL A 408 -4.73 31.50 119.72
N ALA A 409 -4.51 32.70 119.21
CA ALA A 409 -5.61 33.58 118.83
C ALA A 409 -5.77 33.62 117.32
N LEU A 410 -6.95 34.00 116.87
CA LEU A 410 -7.17 34.13 115.44
C LEU A 410 -7.69 35.49 115.11
N ILE A 411 -6.91 36.20 114.31
CA ILE A 411 -7.25 37.54 113.91
C ILE A 411 -7.69 37.43 112.47
N ILE A 412 -8.61 38.29 112.08
CA ILE A 412 -8.98 38.36 110.67
C ILE A 412 -8.97 39.81 110.23
N ALA A 413 -8.72 40.03 108.96
CA ALA A 413 -8.69 41.38 108.42
C ALA A 413 -9.58 41.47 107.22
N THR A 414 -10.72 42.12 107.39
CA THR A 414 -11.65 42.25 106.28
C THR A 414 -11.29 43.47 105.44
N ASP A 415 -12.18 43.84 104.52
CA ASP A 415 -12.00 45.04 103.71
C ASP A 415 -13.33 45.50 103.13
N ASP A 416 -13.27 46.37 102.13
CA ASP A 416 -14.47 46.83 101.43
C ASP A 416 -14.22 46.92 99.94
N GLY A 417 -14.02 45.77 99.32
CA GLY A 417 -13.82 45.66 97.88
C GLY A 417 -15.13 45.35 97.17
N SER A 418 -15.07 44.91 95.92
CA SER A 418 -16.29 44.54 95.17
C SER A 418 -17.03 43.40 95.87
N PRO A 419 -16.37 42.23 96.01
CA PRO A 419 -16.82 41.25 96.99
C PRO A 419 -15.97 41.39 98.25
N ILE A 420 -16.38 40.79 99.36
CA ILE A 420 -15.64 40.99 100.60
C ILE A 420 -14.62 39.88 100.78
N ALA A 421 -13.35 40.26 100.88
CA ALA A 421 -12.25 39.31 100.97
C ALA A 421 -11.62 39.37 102.35
N THR A 422 -11.38 38.25 102.99
CA THR A 422 -10.82 38.31 104.32
C THR A 422 -9.64 37.38 104.52
N GLY A 423 -8.62 37.84 105.22
CA GLY A 423 -7.44 37.06 105.57
C GLY A 423 -7.55 36.50 106.97
N THR A 424 -6.51 35.79 107.40
CA THR A 424 -6.52 35.21 108.75
C THR A 424 -5.12 34.87 109.26
N GLY A 425 -4.72 35.54 110.33
CA GLY A 425 -3.46 35.24 110.97
C GLY A 425 -3.77 34.54 112.26
N THR A 426 -2.76 33.99 112.90
CA THR A 426 -2.90 33.29 114.16
C THR A 426 -1.95 33.76 115.26
N LEU A 427 -2.41 34.48 116.25
CA LEU A 427 -1.48 34.96 117.25
C LEU A 427 -1.05 33.78 118.09
N LEU A 428 0.17 33.34 117.88
CA LEU A 428 0.77 32.33 118.72
C LEU A 428 1.40 33.03 119.89
N LEU A 429 0.54 33.45 120.82
CA LEU A 429 0.95 34.12 122.04
C LEU A 429 1.46 33.12 123.07
N VAL A 430 2.77 32.95 123.10
CA VAL A 430 3.41 32.16 124.12
C VAL A 430 3.51 32.97 125.42
N LEU A 431 3.00 32.41 126.50
CA LEU A 431 3.10 33.04 127.80
C LEU A 431 4.24 32.41 128.57
N LEU A 432 5.32 33.17 128.69
CA LEU A 432 6.46 32.73 129.45
C LEU A 432 6.01 32.44 130.86
N ASP A 433 6.54 31.36 131.42
CA ASP A 433 6.21 30.97 132.77
C ASP A 433 6.67 32.05 133.75
N VAL A 434 5.81 32.34 134.72
CA VAL A 434 6.14 33.23 135.82
C VAL A 434 5.70 32.54 137.11
N ASN A 435 6.57 32.53 138.12
CA ASN A 435 6.27 31.88 139.39
C ASN A 435 5.13 32.58 140.14
N ASP A 436 3.88 32.33 139.74
CA ASP A 436 2.70 32.89 140.42
C ASP A 436 2.03 31.83 141.29
N ASN A 437 2.64 30.64 141.30
CA ASN A 437 2.11 29.51 142.04
C ASN A 437 3.00 29.06 143.20
N ALA A 438 2.39 28.38 144.17
CA ALA A 438 3.03 27.94 145.40
C ALA A 438 2.72 26.47 145.65
N PRO A 439 3.71 25.70 146.13
CA PRO A 439 3.66 24.24 146.37
C PRO A 439 2.55 23.72 147.30
N ILE A 440 2.09 22.49 147.08
CA ILE A 440 1.09 21.83 147.93
C ILE A 440 1.32 20.31 148.01
N PRO A 441 0.93 19.67 149.13
CA PRO A 441 0.97 18.22 149.36
C PRO A 441 -0.10 17.49 148.56
N GLU A 442 0.20 16.26 148.08
CA GLU A 442 -0.75 15.54 147.24
C GLU A 442 -1.90 14.96 148.05
N PRO A 443 -1.60 14.05 148.98
CA PRO A 443 -2.69 13.56 149.82
C PRO A 443 -3.02 14.56 150.94
N ARG A 444 -4.13 15.28 150.74
CA ARG A 444 -4.66 16.23 151.69
C ARG A 444 -5.42 15.48 152.79
N ASN A 445 -6.47 14.77 152.37
CA ASN A 445 -7.18 13.82 153.24
C ASN A 445 -6.43 12.50 153.25
N MET A 446 -5.34 12.49 154.01
CA MET A 446 -4.52 11.30 154.13
C MET A 446 -4.97 10.59 155.40
N GLN A 447 -4.42 9.40 155.62
CA GLN A 447 -4.99 8.49 156.61
C GLN A 447 -3.90 7.70 157.33
N PHE A 448 -3.85 7.75 158.65
CA PHE A 448 -2.77 7.06 159.36
C PHE A 448 -3.15 5.90 160.26
N CYS A 449 -2.12 5.17 160.72
CA CYS A 449 -2.31 4.09 161.67
C CYS A 449 -1.90 4.50 163.09
N GLN A 450 -2.63 3.99 164.08
CA GLN A 450 -2.48 4.41 165.47
C GLN A 450 -1.54 3.42 166.20
N ARG A 451 -1.48 2.18 165.71
CA ARG A 451 -0.55 1.18 166.23
C ARG A 451 0.83 0.88 165.61
N ASN A 452 0.82 0.44 164.34
CA ASN A 452 2.02 0.01 163.65
C ASN A 452 1.66 0.86 162.44
N PRO A 453 2.42 1.92 162.20
CA PRO A 453 2.17 2.80 161.06
C PRO A 453 3.10 2.48 159.91
N GLN A 454 2.57 2.48 158.71
CA GLN A 454 3.40 2.34 157.54
C GLN A 454 3.73 3.75 157.03
N PRO A 455 4.80 3.87 156.21
CA PRO A 455 5.29 5.18 155.76
C PRO A 455 4.44 5.82 154.64
N HIS A 456 4.29 7.14 154.65
CA HIS A 456 3.38 7.81 153.70
C HIS A 456 4.05 8.82 152.79
N ILE A 457 3.99 8.54 151.49
CA ILE A 457 4.52 9.43 150.48
C ILE A 457 3.53 10.57 150.24
N ILE A 458 4.05 11.78 150.16
CA ILE A 458 3.22 12.95 149.89
C ILE A 458 3.79 13.66 148.68
N THR A 459 3.07 13.58 147.57
CA THR A 459 3.53 14.21 146.35
C THR A 459 3.38 15.71 146.49
N ILE A 460 4.33 16.48 145.95
CA ILE A 460 4.21 17.93 146.00
C ILE A 460 3.80 18.47 144.63
N LEU A 461 2.86 19.38 144.60
CA LEU A 461 2.36 19.90 143.33
C LEU A 461 2.82 21.34 143.08
N ASP A 462 3.09 21.67 141.83
CA ASP A 462 3.54 23.00 141.48
C ASP A 462 3.43 23.22 139.98
N PRO A 463 2.44 24.01 139.57
CA PRO A 463 2.00 24.23 138.19
C PRO A 463 3.06 24.86 137.33
N ASP A 464 3.84 25.76 137.93
CA ASP A 464 4.86 26.46 137.19
C ASP A 464 5.81 25.48 136.52
N LEU A 465 6.69 26.01 135.69
CA LEU A 465 7.77 25.22 135.12
C LEU A 465 9.12 25.64 135.75
N PRO A 466 10.06 24.70 135.87
CA PRO A 466 11.36 25.09 136.44
C PRO A 466 11.93 26.34 135.80
N PRO A 467 12.75 27.09 136.55
CA PRO A 467 13.14 26.70 137.92
C PRO A 467 12.19 27.18 139.01
N ASN A 468 10.89 27.18 138.73
CA ASN A 468 9.89 27.61 139.70
C ASN A 468 9.32 26.45 140.50
N THR A 469 9.87 25.25 140.28
CA THR A 469 9.26 24.03 140.85
C THR A 469 10.15 23.12 141.72
N SER A 470 11.05 22.41 141.04
CA SER A 470 11.73 21.20 141.56
C SER A 470 12.48 21.11 142.89
N PRO A 471 13.39 22.04 143.14
CA PRO A 471 14.17 21.87 144.37
C PRO A 471 13.20 22.20 145.48
N PHE A 472 12.36 21.24 145.85
CA PHE A 472 11.30 21.55 146.78
C PHE A 472 11.89 21.57 148.17
N THR A 473 11.41 22.49 148.99
CA THR A 473 11.81 22.51 150.39
C THR A 473 10.60 22.66 151.31
N ALA A 474 10.47 21.73 152.25
CA ALA A 474 9.32 21.70 153.16
C ALA A 474 9.71 21.70 154.63
N GLU A 475 8.85 22.28 155.45
CA GLU A 475 9.03 22.26 156.89
C GLU A 475 7.66 22.20 157.55
N LEU A 476 7.63 21.91 158.84
CA LEU A 476 6.43 22.06 159.61
C LEU A 476 6.75 23.07 160.71
N THR A 477 6.15 24.26 160.62
CA THR A 477 6.29 25.27 161.65
C THR A 477 5.36 24.89 162.83
N HIS A 478 4.26 24.24 162.49
CA HIS A 478 3.22 23.95 163.46
C HIS A 478 3.37 22.55 164.04
N GLY A 479 4.10 22.44 165.15
CA GLY A 479 4.32 21.15 165.79
C GLY A 479 5.37 20.11 165.43
N ALA A 480 4.91 19.00 164.86
CA ALA A 480 5.81 17.93 164.42
C ALA A 480 6.33 17.04 165.55
N SER A 481 7.37 17.50 166.24
CA SER A 481 8.09 16.69 167.21
C SER A 481 7.16 15.68 167.88
N VAL A 482 5.95 16.13 168.20
CA VAL A 482 4.96 15.26 168.82
C VAL A 482 4.67 14.20 167.76
N ASN A 483 5.54 13.20 167.68
CA ASN A 483 5.40 12.15 166.69
C ASN A 483 5.25 12.59 165.24
N TRP A 484 6.23 13.33 164.73
CA TRP A 484 6.23 13.76 163.34
C TRP A 484 7.63 13.71 162.74
N THR A 485 7.74 13.13 161.55
CA THR A 485 9.01 13.01 160.87
C THR A 485 8.82 13.01 159.35
N ILE A 486 9.44 13.98 158.67
CA ILE A 486 9.35 14.12 157.23
C ILE A 486 10.70 13.92 156.57
N GLU A 487 10.79 12.95 155.68
CA GLU A 487 11.99 12.77 154.87
C GLU A 487 11.66 12.96 153.40
N TYR A 488 12.52 13.68 152.68
CA TYR A 488 12.31 13.92 151.27
C TYR A 488 12.69 12.58 150.66
N ASN A 489 11.69 11.74 150.45
CA ASN A 489 11.90 10.39 149.91
C ASN A 489 12.93 10.42 148.79
N ASP A 490 12.68 11.24 147.78
CA ASP A 490 13.54 11.26 146.59
C ASP A 490 14.78 12.14 146.75
N ALA A 491 15.87 11.71 146.13
CA ALA A 491 17.12 12.45 146.11
C ALA A 491 16.91 13.89 145.66
N ALA A 492 15.89 14.11 144.83
CA ALA A 492 15.62 15.46 144.32
C ALA A 492 14.39 16.32 144.67
N GLN A 493 13.80 16.10 145.84
CA GLN A 493 12.62 16.85 146.23
C GLN A 493 11.33 16.69 145.42
N GLU A 494 11.07 15.48 144.96
CA GLU A 494 9.79 15.20 144.31
C GLU A 494 8.66 15.32 145.34
N SER A 495 8.82 14.56 146.42
CA SER A 495 7.83 14.45 147.46
C SER A 495 8.57 13.99 148.68
N LEU A 496 7.84 13.62 149.73
CA LEU A 496 8.49 13.14 150.92
C LEU A 496 7.68 12.03 151.58
N ILE A 497 8.23 11.45 152.63
CA ILE A 497 7.54 10.41 153.37
C ILE A 497 7.31 10.88 154.81
N LEU A 498 6.05 10.91 155.24
CA LEU A 498 5.70 11.33 156.59
C LEU A 498 5.19 10.13 157.39
N GLN A 499 5.48 10.12 158.69
CA GLN A 499 5.15 8.98 159.53
C GLN A 499 5.28 9.31 161.03
N PRO A 500 4.50 8.60 161.88
CA PRO A 500 4.44 8.87 163.32
C PRO A 500 5.80 8.67 163.97
N ARG A 501 6.11 9.44 165.00
CA ARG A 501 7.39 9.30 165.69
C ARG A 501 7.13 8.53 166.97
N LYS A 502 5.93 8.68 167.50
CA LYS A 502 5.54 8.00 168.73
C LYS A 502 4.30 7.12 168.56
N ASP A 503 3.91 6.45 169.64
CA ASP A 503 2.82 5.47 169.60
C ASP A 503 1.63 5.76 170.55
N GLU A 508 -7.61 12.86 166.55
CA GLU A 508 -6.83 13.01 165.32
C GLU A 508 -5.89 14.22 165.41
N TYR A 509 -5.56 14.81 164.26
CA TYR A 509 -4.59 15.91 164.18
C TYR A 509 -4.72 16.70 162.87
N LYS A 510 -4.07 17.85 162.83
CA LYS A 510 -3.98 18.66 161.62
C LYS A 510 -2.60 19.35 161.54
N ILE A 511 -1.81 19.03 160.52
CA ILE A 511 -0.42 19.50 160.45
C ILE A 511 -0.19 20.64 159.47
N HIS A 512 0.47 21.70 159.93
CA HIS A 512 0.78 22.79 159.03
C HIS A 512 2.12 22.55 158.38
N LEU A 513 2.14 22.68 157.06
CA LEU A 513 3.29 22.24 156.27
C LEU A 513 3.75 23.33 155.31
N LYS A 514 5.00 23.76 155.47
CA LYS A 514 5.59 24.76 154.59
C LYS A 514 6.33 24.11 153.43
N LEU A 515 6.20 24.70 152.26
CA LEU A 515 6.83 24.19 151.06
C LEU A 515 7.37 25.39 150.28
N ALA A 516 8.27 25.13 149.34
CA ALA A 516 8.78 26.18 148.47
C ALA A 516 9.66 25.61 147.37
N ASP A 517 9.99 26.47 146.41
CA ASP A 517 10.66 26.08 145.18
C ASP A 517 11.89 26.93 144.95
N ASN A 518 11.65 28.17 144.55
CA ASN A 518 12.67 29.21 144.57
C ASN A 518 12.19 30.26 145.57
N GLN A 519 11.94 29.82 146.79
CA GLN A 519 11.43 30.70 147.83
C GLN A 519 10.03 31.24 147.53
N ASN A 520 9.09 30.33 147.33
CA ASN A 520 7.68 30.67 147.29
C ASN A 520 6.94 29.83 148.31
N LYS A 521 6.84 30.37 149.52
CA LYS A 521 6.29 29.60 150.63
C LYS A 521 4.77 29.47 150.55
N ASP A 522 4.25 28.42 151.17
CA ASP A 522 2.81 28.24 151.31
C ASP A 522 2.63 27.11 152.31
N GLN A 523 2.38 27.48 153.56
CA GLN A 523 2.06 26.48 154.58
C GLN A 523 0.68 25.93 154.26
N VAL A 524 0.61 24.63 154.07
CA VAL A 524 -0.64 24.02 153.69
C VAL A 524 -1.41 23.53 154.91
N THR A 525 -2.46 24.28 155.19
CA THR A 525 -3.36 24.07 156.31
C THR A 525 -4.02 22.67 156.34
N THR A 526 -4.59 22.24 155.20
CA THR A 526 -5.25 20.92 155.12
C THR A 526 -4.30 19.74 155.29
N LEU A 527 -4.19 19.25 156.52
CA LEU A 527 -3.64 17.94 156.78
C LEU A 527 -4.58 17.14 157.70
N ASP A 528 -5.84 17.04 157.29
CA ASP A 528 -6.87 16.28 158.00
C ASP A 528 -6.59 14.80 157.81
N VAL A 529 -5.86 14.23 158.76
CA VAL A 529 -5.56 12.81 158.74
C VAL A 529 -6.02 12.17 160.03
N HIS A 530 -6.93 11.22 159.88
CA HIS A 530 -7.46 10.49 161.02
C HIS A 530 -6.47 9.37 161.37
N VAL A 531 -6.15 9.24 162.65
CA VAL A 531 -5.28 8.17 163.16
C VAL A 531 -6.12 7.07 163.78
N CYS A 532 -6.09 5.86 163.21
CA CYS A 532 -7.00 4.80 163.67
C CYS A 532 -6.36 3.47 164.12
N ASP A 533 -7.06 2.76 165.00
CA ASP A 533 -6.56 1.51 165.54
C ASP A 533 -6.61 0.37 164.51
N CYS A 534 -5.56 0.30 163.70
CA CYS A 534 -5.37 -0.76 162.73
C CYS A 534 -4.14 -1.54 163.22
N GLU A 535 -3.58 -2.39 162.37
CA GLU A 535 -2.38 -3.09 162.74
C GLU A 535 -1.25 -2.50 161.93
N GLY A 536 -1.51 -2.32 160.63
CA GLY A 536 -0.63 -1.59 159.72
C GLY A 536 -1.34 -0.78 158.62
N ASP B 1 6.62 -37.54 -11.58
CA ASP B 1 5.54 -37.44 -10.62
C ASP B 1 4.66 -36.19 -10.88
N TRP B 2 4.67 -35.25 -9.94
CA TRP B 2 4.03 -33.94 -10.10
C TRP B 2 5.01 -32.97 -10.77
N VAL B 3 4.57 -32.26 -11.79
CA VAL B 3 5.49 -31.36 -12.49
C VAL B 3 4.95 -29.97 -12.74
N ILE B 4 5.60 -29.27 -13.66
CA ILE B 4 5.29 -27.88 -13.91
C ILE B 4 4.92 -27.72 -15.36
N PRO B 5 3.75 -27.12 -15.61
CA PRO B 5 3.21 -26.86 -16.96
C PRO B 5 4.22 -26.08 -17.80
N PRO B 6 4.22 -26.29 -19.12
CA PRO B 6 5.19 -25.65 -19.99
C PRO B 6 5.04 -24.14 -19.90
N ILE B 7 6.17 -23.43 -19.91
CA ILE B 7 6.14 -21.99 -19.75
C ILE B 7 6.24 -21.31 -21.09
N SER B 8 5.64 -20.14 -21.20
CA SER B 8 5.71 -19.36 -22.41
C SER B 8 6.25 -17.96 -22.13
N CYS B 9 7.22 -17.55 -22.94
CA CYS B 9 7.74 -16.20 -22.87
C CYS B 9 7.78 -15.73 -24.31
N PRO B 10 7.03 -14.68 -24.63
CA PRO B 10 7.00 -14.09 -25.96
C PRO B 10 8.39 -13.82 -26.51
N GLU B 11 8.55 -14.02 -27.81
CA GLU B 11 9.78 -13.68 -28.49
C GLU B 11 10.06 -12.22 -28.24
N ASN B 12 11.34 -11.87 -28.15
CA ASN B 12 11.76 -10.48 -28.11
C ASN B 12 11.03 -9.67 -27.03
N GLU B 13 10.67 -10.36 -25.94
CA GLU B 13 10.13 -9.72 -24.74
C GLU B 13 11.21 -8.72 -24.35
N LYS B 14 10.93 -7.44 -24.54
CA LYS B 14 11.88 -6.39 -24.21
C LYS B 14 11.34 -5.52 -23.05
N GLY B 15 12.26 -5.09 -22.20
CA GLY B 15 11.95 -4.37 -20.97
C GLY B 15 13.17 -4.38 -20.07
N GLU B 16 12.99 -4.60 -18.77
CA GLU B 16 14.16 -4.72 -17.88
C GLU B 16 14.50 -6.16 -17.51
N PHE B 17 15.80 -6.45 -17.45
CA PHE B 17 16.25 -7.80 -17.14
C PHE B 17 17.03 -7.91 -15.83
N PRO B 18 17.03 -9.11 -15.24
CA PRO B 18 16.33 -10.22 -15.88
C PRO B 18 14.90 -10.34 -15.38
N LYS B 19 14.12 -11.15 -16.07
CA LYS B 19 12.73 -11.35 -15.72
C LYS B 19 12.54 -12.69 -15.01
N ASN B 20 11.58 -12.73 -14.09
CA ASN B 20 11.24 -13.97 -13.42
C ASN B 20 10.45 -14.86 -14.36
N LEU B 21 10.56 -16.18 -14.16
CA LEU B 21 9.69 -17.09 -14.87
C LEU B 21 8.79 -17.86 -13.89
N VAL B 22 9.41 -18.63 -13.01
CA VAL B 22 8.67 -19.35 -11.97
C VAL B 22 9.67 -19.92 -11.00
N GLN B 23 9.36 -19.88 -9.71
CA GLN B 23 10.27 -20.46 -8.74
C GLN B 23 9.90 -21.89 -8.42
N ILE B 24 10.93 -22.67 -8.15
CA ILE B 24 10.76 -24.07 -7.87
C ILE B 24 11.10 -24.30 -6.40
N LYS B 25 10.69 -25.44 -5.88
CA LYS B 25 10.83 -25.70 -4.46
C LYS B 25 10.87 -27.19 -4.23
N SER B 26 11.73 -27.61 -3.31
CA SER B 26 11.72 -28.97 -2.83
C SER B 26 11.15 -28.97 -1.44
N ASN B 27 10.25 -29.90 -1.15
CA ASN B 27 9.67 -29.97 0.18
C ASN B 27 10.74 -30.36 1.20
N ARG B 28 11.91 -30.70 0.69
CA ARG B 28 13.04 -31.08 1.51
C ARG B 28 13.85 -29.87 1.93
N ASP B 29 13.33 -28.69 1.64
CA ASP B 29 14.10 -27.46 1.87
C ASP B 29 14.11 -27.08 3.34
N LYS B 30 13.33 -27.80 4.14
CA LYS B 30 13.35 -27.60 5.58
C LYS B 30 14.03 -28.79 6.25
N GLU B 31 14.14 -29.89 5.52
CA GLU B 31 15.01 -30.98 5.95
C GLU B 31 16.45 -30.46 6.04
N THR B 32 16.94 -29.88 4.93
CA THR B 32 18.24 -29.23 4.88
C THR B 32 18.18 -27.96 4.04
N LYS B 33 19.23 -27.15 4.12
CA LYS B 33 19.41 -26.05 3.20
C LYS B 33 19.60 -26.63 1.81
N VAL B 34 18.71 -26.31 0.89
CA VAL B 34 18.85 -26.88 -0.45
C VAL B 34 19.36 -25.84 -1.43
N PHE B 35 20.08 -26.29 -2.45
CA PHE B 35 20.67 -25.38 -3.43
C PHE B 35 20.33 -25.72 -4.87
N TYR B 36 19.53 -24.85 -5.48
CA TYR B 36 18.95 -25.10 -6.79
C TYR B 36 19.87 -24.74 -7.90
N SER B 37 19.63 -25.37 -9.04
CA SER B 37 20.43 -25.13 -10.20
C SER B 37 19.64 -25.65 -11.36
N ILE B 38 19.84 -25.05 -12.51
CA ILE B 38 19.15 -25.44 -13.71
C ILE B 38 20.18 -25.73 -14.77
N THR B 39 19.93 -26.78 -15.55
CA THR B 39 20.84 -27.17 -16.63
C THR B 39 20.10 -27.37 -17.95
N GLY B 40 20.80 -27.92 -18.93
CA GLY B 40 20.29 -28.04 -20.28
C GLY B 40 20.76 -26.86 -21.10
N GLN B 41 20.47 -26.86 -22.39
CA GLN B 41 20.83 -25.73 -23.25
C GLN B 41 19.94 -24.51 -22.98
N GLY B 42 20.57 -23.36 -22.98
CA GLY B 42 19.93 -22.11 -22.58
C GLY B 42 20.37 -21.73 -21.18
N ALA B 43 20.81 -22.73 -20.42
CA ALA B 43 21.21 -22.49 -19.06
C ALA B 43 22.71 -22.49 -18.93
N ASP B 44 23.29 -23.69 -18.83
CA ASP B 44 24.74 -23.80 -18.78
C ASP B 44 25.28 -24.07 -20.19
N LYS B 45 24.50 -24.77 -21.00
CA LYS B 45 24.87 -25.04 -22.39
C LYS B 45 24.30 -23.97 -23.33
N PRO B 46 24.99 -23.72 -24.45
CA PRO B 46 24.62 -22.68 -25.42
C PRO B 46 23.14 -22.75 -25.80
N PRO B 47 22.46 -21.59 -25.78
CA PRO B 47 23.04 -20.31 -25.38
C PRO B 47 23.15 -20.21 -23.86
N VAL B 48 24.35 -20.33 -23.33
CA VAL B 48 24.51 -20.33 -21.88
C VAL B 48 24.09 -19.00 -21.27
N GLY B 49 23.38 -19.09 -20.14
CA GLY B 49 23.06 -17.92 -19.35
C GLY B 49 21.78 -17.20 -19.68
N VAL B 50 21.01 -17.69 -20.65
CA VAL B 50 19.76 -17.03 -21.03
C VAL B 50 18.76 -17.19 -19.90
N PHE B 51 18.77 -18.36 -19.28
CA PHE B 51 17.95 -18.62 -18.12
C PHE B 51 18.85 -18.88 -16.93
N ILE B 52 18.36 -18.51 -15.75
CA ILE B 52 19.13 -18.66 -14.54
C ILE B 52 18.21 -18.89 -13.34
N ILE B 53 18.75 -19.54 -12.32
CA ILE B 53 18.00 -19.79 -11.11
C ILE B 53 18.72 -19.08 -9.94
N GLU B 54 17.96 -18.67 -8.92
CA GLU B 54 18.57 -18.18 -7.69
C GLU B 54 18.80 -19.36 -6.77
N ARG B 55 20.05 -19.77 -6.65
CA ARG B 55 20.40 -20.97 -5.92
C ARG B 55 19.62 -21.06 -4.61
N GLU B 56 19.48 -19.90 -3.96
CA GLU B 56 18.83 -19.81 -2.66
C GLU B 56 17.29 -20.03 -2.70
N THR B 57 16.59 -19.23 -3.51
CA THR B 57 15.12 -19.28 -3.58
C THR B 57 14.61 -20.35 -4.53
N GLY B 58 15.32 -20.54 -5.63
CA GLY B 58 14.89 -21.44 -6.67
C GLY B 58 14.06 -20.73 -7.72
N TRP B 59 14.17 -19.41 -7.77
CA TRP B 59 13.49 -18.63 -8.78
C TRP B 59 14.18 -18.79 -10.13
N LEU B 60 13.43 -19.18 -11.15
CA LEU B 60 13.99 -19.27 -12.48
C LEU B 60 13.75 -17.93 -13.16
N LYS B 61 14.80 -17.42 -13.81
CA LYS B 61 14.71 -16.14 -14.48
C LYS B 61 15.22 -16.22 -15.90
N VAL B 62 14.65 -15.39 -16.76
CA VAL B 62 15.18 -15.24 -18.10
C VAL B 62 15.93 -13.91 -18.17
N THR B 63 17.04 -13.91 -18.87
CA THR B 63 17.99 -12.81 -18.79
C THR B 63 17.88 -11.81 -19.94
N GLN B 64 17.40 -12.29 -21.08
CA GLN B 64 17.45 -11.52 -22.32
C GLN B 64 16.20 -11.75 -23.16
N PRO B 65 15.94 -10.83 -24.12
CA PRO B 65 14.84 -10.96 -25.08
C PRO B 65 15.05 -12.16 -26.00
N LEU B 66 14.08 -13.07 -25.99
CA LEU B 66 14.18 -14.35 -26.69
C LEU B 66 13.97 -14.19 -28.18
N ASP B 67 14.41 -15.19 -28.95
CA ASP B 67 14.15 -15.20 -30.41
C ASP B 67 13.86 -16.63 -30.86
N ARG B 68 12.61 -16.88 -31.25
CA ARG B 68 12.17 -18.23 -31.58
C ARG B 68 12.65 -18.70 -32.94
N GLU B 69 12.84 -17.74 -33.85
CA GLU B 69 13.47 -18.02 -35.13
C GLU B 69 14.79 -18.70 -34.80
N ALA B 70 15.50 -18.10 -33.85
CA ALA B 70 16.74 -18.62 -33.32
C ALA B 70 16.51 -19.96 -32.60
N ILE B 71 15.81 -19.92 -31.47
CA ILE B 71 15.48 -21.12 -30.70
C ILE B 71 14.11 -20.94 -30.03
N ALA B 72 13.15 -21.78 -30.42
CA ALA B 72 11.75 -21.59 -30.01
C ALA B 72 11.29 -22.37 -28.79
N LYS B 73 12.17 -23.20 -28.25
CA LYS B 73 11.85 -23.99 -27.07
C LYS B 73 13.12 -24.46 -26.37
N TYR B 74 13.25 -24.06 -25.11
CA TYR B 74 14.37 -24.50 -24.31
C TYR B 74 13.96 -25.70 -23.50
N ILE B 75 14.90 -26.62 -23.30
CA ILE B 75 14.65 -27.70 -22.38
C ILE B 75 15.65 -27.63 -21.24
N LEU B 76 15.17 -27.15 -20.11
CA LEU B 76 15.99 -26.93 -18.95
C LEU B 76 15.78 -28.04 -17.98
N TYR B 77 16.54 -28.04 -16.90
CA TYR B 77 16.43 -29.08 -15.89
C TYR B 77 16.90 -28.59 -14.56
N SER B 78 16.07 -28.79 -13.55
CA SER B 78 16.36 -28.28 -12.23
C SER B 78 16.85 -29.35 -11.29
N HIS B 79 17.66 -28.91 -10.34
CA HIS B 79 18.28 -29.80 -9.36
C HIS B 79 18.16 -29.19 -7.98
N ALA B 80 18.01 -30.04 -6.98
CA ALA B 80 18.02 -29.60 -5.60
C ALA B 80 19.12 -30.36 -4.87
N VAL B 81 20.05 -29.63 -4.28
CA VAL B 81 21.19 -30.26 -3.65
C VAL B 81 21.32 -29.72 -2.26
N SER B 82 21.47 -30.61 -1.29
CA SER B 82 21.59 -30.15 0.08
C SER B 82 22.88 -29.39 0.23
N SER B 83 23.06 -28.80 1.40
CA SER B 83 24.26 -28.03 1.66
C SER B 83 25.45 -28.96 1.90
N ASN B 84 25.19 -30.19 2.33
CA ASN B 84 26.26 -31.15 2.58
C ASN B 84 26.65 -31.92 1.32
N GLY B 85 26.04 -31.55 0.20
CA GLY B 85 26.48 -32.06 -1.10
C GLY B 85 25.61 -33.14 -1.69
N GLU B 86 24.82 -33.79 -0.84
CA GLU B 86 23.93 -34.84 -1.32
C GLU B 86 22.83 -34.23 -2.22
N ALA B 87 22.62 -34.83 -3.39
CA ALA B 87 21.54 -34.44 -4.26
C ALA B 87 20.23 -34.94 -3.69
N VAL B 88 19.29 -34.02 -3.52
CA VAL B 88 18.01 -34.32 -2.88
C VAL B 88 16.93 -34.79 -3.86
N GLU B 89 16.79 -34.08 -4.97
CA GLU B 89 15.72 -34.39 -5.93
C GLU B 89 16.25 -34.96 -7.23
N ASP B 90 15.50 -35.90 -7.80
CA ASP B 90 15.66 -36.29 -9.19
C ASP B 90 15.31 -35.06 -10.02
N PRO B 91 16.14 -34.71 -11.02
CA PRO B 91 15.99 -33.40 -11.67
C PRO B 91 14.64 -33.27 -12.36
N MET B 92 14.06 -32.10 -12.27
CA MET B 92 12.77 -31.86 -12.91
C MET B 92 12.98 -31.20 -14.27
N GLU B 93 12.31 -31.72 -15.29
CA GLU B 93 12.35 -31.09 -16.61
C GLU B 93 11.56 -29.80 -16.61
N ILE B 94 12.16 -28.75 -17.15
CA ILE B 94 11.43 -27.51 -17.31
C ILE B 94 11.49 -27.05 -18.76
N VAL B 95 10.32 -26.87 -19.34
CA VAL B 95 10.19 -26.53 -20.75
C VAL B 95 9.67 -25.11 -20.93
N ILE B 96 10.45 -24.30 -21.64
CA ILE B 96 10.09 -22.92 -21.93
C ILE B 96 9.82 -22.80 -23.42
N THR B 97 8.60 -22.46 -23.79
CA THR B 97 8.27 -22.25 -25.20
C THR B 97 8.21 -20.76 -25.54
N VAL B 98 9.13 -20.31 -26.38
CA VAL B 98 9.10 -18.91 -26.80
C VAL B 98 8.07 -18.74 -27.91
N THR B 99 7.16 -17.78 -27.72
CA THR B 99 6.04 -17.59 -28.63
C THR B 99 6.41 -16.61 -29.74
N ASP B 100 5.59 -16.55 -30.77
CA ASP B 100 5.99 -15.86 -32.00
C ASP B 100 5.69 -14.36 -32.05
N GLN B 101 6.29 -13.73 -33.06
CA GLN B 101 6.13 -12.32 -33.30
C GLN B 101 6.42 -12.03 -34.76
N ASN B 102 5.65 -11.10 -35.31
CA ASN B 102 5.86 -10.64 -36.68
C ASN B 102 7.14 -9.81 -36.70
N ASP B 103 8.28 -10.50 -36.64
CA ASP B 103 9.59 -9.87 -36.61
C ASP B 103 10.40 -10.31 -37.82
N ASN B 104 9.70 -10.88 -38.80
CA ASN B 104 10.32 -11.37 -40.04
C ASN B 104 9.56 -11.06 -41.32
N ARG B 105 9.82 -9.89 -41.88
CA ARG B 105 9.23 -9.54 -43.17
C ARG B 105 9.47 -10.63 -44.20
N PRO B 106 8.51 -10.81 -45.12
CA PRO B 106 8.52 -11.88 -46.11
C PRO B 106 9.63 -11.64 -47.12
N GLU B 107 9.92 -12.63 -47.96
CA GLU B 107 10.95 -12.45 -48.97
C GLU B 107 10.81 -13.41 -50.14
N PHE B 108 10.96 -12.89 -51.34
CA PHE B 108 10.73 -13.70 -52.53
C PHE B 108 11.87 -14.67 -52.76
N THR B 109 11.52 -15.87 -53.21
CA THR B 109 12.50 -16.87 -53.57
C THR B 109 13.48 -16.34 -54.63
N GLN B 110 13.01 -15.38 -55.42
CA GLN B 110 13.83 -14.77 -56.47
C GLN B 110 13.79 -13.26 -56.39
N GLU B 111 14.90 -12.66 -56.78
CA GLU B 111 15.00 -11.21 -56.89
C GLU B 111 14.12 -10.77 -58.04
N VAL B 112 14.10 -11.56 -59.11
CA VAL B 112 13.37 -11.25 -60.33
C VAL B 112 12.84 -12.50 -61.04
N PHE B 113 11.51 -12.63 -61.05
CA PHE B 113 10.86 -13.72 -61.75
C PHE B 113 10.60 -13.27 -63.17
N GLU B 114 10.73 -14.19 -64.10
CA GLU B 114 10.45 -13.87 -65.48
C GLU B 114 9.62 -14.97 -66.12
N GLY B 115 8.67 -14.56 -66.96
CA GLY B 115 7.84 -15.50 -67.67
C GLY B 115 7.44 -14.95 -69.02
N SER B 116 6.56 -15.66 -69.71
CA SER B 116 6.04 -15.22 -71.00
C SER B 116 4.60 -15.68 -71.22
N VAL B 117 3.92 -15.04 -72.18
CA VAL B 117 2.54 -15.38 -72.49
C VAL B 117 2.27 -15.18 -73.98
N ALA B 118 1.24 -15.82 -74.51
CA ALA B 118 0.82 -15.57 -75.89
C ALA B 118 0.32 -14.13 -76.05
N GLU B 119 0.50 -13.59 -77.25
CA GLU B 119 -0.01 -12.27 -77.59
C GLU B 119 -1.52 -12.28 -77.46
N GLY B 120 -2.18 -13.23 -78.12
CA GLY B 120 -3.62 -13.39 -77.99
C GLY B 120 -4.01 -14.27 -76.81
N ALA B 121 -3.81 -13.76 -75.60
CA ALA B 121 -4.05 -14.51 -74.38
C ALA B 121 -5.49 -14.33 -73.89
N VAL B 122 -6.12 -15.41 -73.46
CA VAL B 122 -7.51 -15.34 -73.02
C VAL B 122 -7.62 -14.88 -71.58
N PRO B 123 -8.23 -13.70 -71.36
CA PRO B 123 -8.24 -13.17 -70.00
C PRO B 123 -8.54 -14.27 -69.00
N GLY B 124 -7.90 -14.20 -67.85
CA GLY B 124 -8.07 -15.21 -66.83
C GLY B 124 -7.17 -16.39 -67.11
N THR B 125 -6.44 -16.33 -68.21
CA THR B 125 -5.47 -17.38 -68.51
C THR B 125 -4.19 -17.16 -67.67
N SER B 126 -3.45 -18.24 -67.41
CA SER B 126 -2.33 -18.15 -66.46
C SER B 126 -0.92 -18.03 -67.07
N VAL B 127 -0.13 -17.11 -66.52
CA VAL B 127 1.15 -16.75 -67.10
C VAL B 127 2.34 -17.33 -66.35
N MET B 128 2.35 -17.13 -65.04
CA MET B 128 3.58 -17.09 -64.27
C MET B 128 3.30 -17.47 -62.84
N LYS B 129 4.36 -17.74 -62.08
CA LYS B 129 4.24 -18.10 -60.68
C LYS B 129 5.27 -17.32 -59.87
N VAL B 130 4.80 -16.48 -58.96
CA VAL B 130 5.70 -15.72 -58.12
C VAL B 130 5.50 -16.18 -56.69
N SER B 131 6.61 -16.23 -55.95
CA SER B 131 6.60 -16.82 -54.63
C SER B 131 7.49 -16.05 -53.64
N ALA B 132 7.26 -16.30 -52.34
CA ALA B 132 7.94 -15.58 -51.28
C ALA B 132 7.80 -16.41 -50.01
N THR B 133 8.62 -16.13 -48.99
CA THR B 133 8.58 -16.90 -47.74
C THR B 133 8.81 -16.09 -46.47
N ASP B 134 7.92 -16.30 -45.49
CA ASP B 134 8.00 -15.62 -44.20
C ASP B 134 8.51 -16.56 -43.11
N ALA B 135 9.29 -16.01 -42.18
CA ALA B 135 10.09 -16.82 -41.24
C ALA B 135 9.47 -16.99 -39.87
N ASP B 136 8.31 -16.39 -39.63
CA ASP B 136 7.58 -16.62 -38.40
C ASP B 136 6.77 -17.88 -38.62
N ASP B 137 5.73 -18.11 -37.81
CA ASP B 137 4.96 -19.35 -37.97
C ASP B 137 3.53 -19.14 -38.44
N ASP B 138 3.26 -19.59 -39.67
CA ASP B 138 1.92 -19.51 -40.26
C ASP B 138 1.07 -20.62 -39.69
N VAL B 139 1.72 -21.47 -38.90
CA VAL B 139 1.06 -22.59 -38.27
C VAL B 139 0.33 -22.11 -37.03
N ASN B 140 0.74 -20.96 -36.50
CA ASN B 140 0.15 -20.48 -35.26
C ASN B 140 -0.26 -19.01 -35.25
N THR B 141 0.02 -18.30 -36.33
CA THR B 141 -0.25 -16.87 -36.40
C THR B 141 -0.37 -16.41 -37.83
N TYR B 142 -0.86 -15.20 -38.04
CA TYR B 142 -0.92 -14.64 -39.38
C TYR B 142 0.37 -13.93 -39.74
N ASN B 143 1.38 -14.08 -38.89
CA ASN B 143 2.66 -13.42 -39.12
C ASN B 143 3.41 -13.98 -40.33
N ALA B 144 3.02 -15.16 -40.81
CA ALA B 144 3.57 -15.69 -42.04
C ALA B 144 2.47 -15.83 -43.06
N ALA B 145 1.44 -15.01 -42.92
CA ALA B 145 0.36 -14.99 -43.90
C ALA B 145 0.74 -14.03 -44.98
N ILE B 146 1.22 -14.58 -46.09
CA ILE B 146 1.72 -13.79 -47.21
C ILE B 146 0.60 -13.51 -48.19
N ALA B 147 0.50 -12.25 -48.59
CA ALA B 147 -0.54 -11.81 -49.51
C ALA B 147 0.05 -11.00 -50.66
N TYR B 148 0.25 -11.66 -51.80
CA TYR B 148 0.81 -10.98 -52.97
C TYR B 148 -0.13 -9.94 -53.56
N THR B 149 0.46 -8.83 -53.96
CA THR B 149 -0.27 -7.84 -54.74
C THR B 149 0.63 -7.41 -55.87
N ILE B 150 0.08 -6.70 -56.85
CA ILE B 150 0.90 -6.07 -57.88
C ILE B 150 0.82 -4.57 -57.67
N VAL B 151 1.95 -3.89 -57.81
CA VAL B 151 1.97 -2.46 -57.55
C VAL B 151 2.50 -1.62 -58.72
N SER B 152 2.91 -2.28 -59.80
CA SER B 152 3.35 -1.55 -60.99
C SER B 152 3.59 -2.46 -62.19
N GLN B 153 3.00 -2.10 -63.33
CA GLN B 153 3.32 -2.72 -64.62
C GLN B 153 4.00 -1.70 -65.54
N ASP B 154 5.05 -2.16 -66.21
CA ASP B 154 5.71 -1.33 -67.20
C ASP B 154 5.78 -2.09 -68.51
N PRO B 155 5.20 -1.51 -69.58
CA PRO B 155 4.52 -0.21 -69.59
C PRO B 155 3.07 -0.37 -69.14
N GLU B 156 2.51 0.71 -68.61
CA GLU B 156 1.14 0.69 -68.12
C GLU B 156 0.21 0.96 -69.31
N LEU B 157 0.50 0.30 -70.42
CA LEU B 157 -0.38 0.31 -71.56
C LEU B 157 -0.45 -1.09 -72.13
N PRO B 158 -1.54 -1.38 -72.85
CA PRO B 158 -2.66 -0.47 -73.15
C PRO B 158 -3.50 -0.08 -71.93
N HIS B 159 -3.60 -1.00 -70.97
CA HIS B 159 -4.27 -0.69 -69.72
C HIS B 159 -3.19 -0.68 -68.67
N LYS B 160 -3.57 -0.35 -67.45
CA LYS B 160 -2.64 -0.34 -66.34
C LYS B 160 -2.78 -1.66 -65.58
N ASN B 161 -3.74 -2.48 -66.02
CA ASN B 161 -4.14 -3.68 -65.28
C ASN B 161 -4.13 -4.95 -66.12
N MET B 162 -3.12 -5.11 -66.96
CA MET B 162 -3.03 -6.24 -67.85
C MET B 162 -3.11 -7.58 -67.13
N PHE B 163 -2.37 -7.69 -66.02
CA PHE B 163 -2.29 -8.96 -65.30
C PHE B 163 -2.76 -8.83 -63.87
N THR B 164 -2.93 -9.96 -63.20
CA THR B 164 -3.04 -9.99 -61.75
C THR B 164 -2.45 -11.25 -61.16
N VAL B 165 -1.93 -11.11 -59.95
CA VAL B 165 -1.38 -12.23 -59.20
C VAL B 165 -2.48 -12.74 -58.28
N ASN B 166 -2.64 -14.06 -58.23
CA ASN B 166 -3.53 -14.69 -57.26
C ASN B 166 -3.07 -14.34 -55.86
N ARG B 167 -3.94 -13.66 -55.12
CA ARG B 167 -3.57 -13.09 -53.83
C ARG B 167 -2.69 -14.01 -52.99
N ASP B 168 -3.11 -15.26 -52.85
CA ASP B 168 -2.43 -16.12 -51.91
C ASP B 168 -1.94 -17.44 -52.50
N THR B 169 -1.66 -17.46 -53.80
CA THR B 169 -0.83 -18.51 -54.36
C THR B 169 0.38 -17.91 -55.06
N GLY B 170 0.23 -16.69 -55.55
CA GLY B 170 1.31 -16.00 -56.24
C GLY B 170 1.28 -16.18 -57.74
N VAL B 171 0.32 -16.96 -58.23
CA VAL B 171 0.20 -17.22 -59.65
C VAL B 171 -0.32 -16.03 -60.46
N ILE B 172 0.51 -15.52 -61.38
CA ILE B 172 0.14 -14.35 -62.15
C ILE B 172 -0.62 -14.74 -63.41
N SER B 173 -1.71 -14.03 -63.67
CA SER B 173 -2.60 -14.32 -64.79
C SER B 173 -2.96 -13.10 -65.60
N VAL B 174 -3.59 -13.35 -66.75
CA VAL B 174 -4.10 -12.30 -67.62
C VAL B 174 -5.44 -11.79 -67.10
N LEU B 175 -5.52 -10.49 -66.82
CA LEU B 175 -6.76 -9.91 -66.31
C LEU B 175 -7.60 -9.41 -67.49
N THR B 176 -6.94 -8.74 -68.44
CA THR B 176 -7.64 -8.07 -69.52
C THR B 176 -7.16 -8.49 -70.91
N SER B 177 -7.79 -7.95 -71.93
CA SER B 177 -7.43 -8.23 -73.31
C SER B 177 -6.66 -7.03 -73.83
N GLY B 178 -5.57 -7.27 -74.54
CA GLY B 178 -4.84 -6.16 -75.12
C GLY B 178 -3.34 -6.36 -75.14
N LEU B 179 -2.91 -7.58 -74.82
CA LEU B 179 -1.49 -7.87 -74.91
C LEU B 179 -1.13 -7.97 -76.37
N ASP B 180 -0.54 -6.91 -76.89
CA ASP B 180 -0.05 -6.95 -78.26
C ASP B 180 1.46 -7.00 -78.21
N ARG B 181 2.03 -8.07 -78.73
CA ARG B 181 3.46 -8.16 -78.86
C ARG B 181 3.87 -7.03 -79.80
N GLU B 182 3.06 -6.82 -80.84
CA GLU B 182 3.36 -5.83 -81.88
C GLU B 182 3.41 -4.43 -81.28
N SER B 183 2.97 -4.33 -80.02
CA SER B 183 2.82 -3.05 -79.36
C SER B 183 3.66 -2.95 -78.08
N TYR B 184 3.36 -3.80 -77.09
CA TYR B 184 4.16 -3.89 -75.88
C TYR B 184 4.42 -5.35 -75.56
N PRO B 185 5.61 -5.83 -75.92
CA PRO B 185 6.05 -7.23 -75.90
C PRO B 185 6.72 -7.65 -74.61
N THR B 186 7.14 -6.71 -73.78
CA THR B 186 7.62 -7.06 -72.46
C THR B 186 6.93 -6.22 -71.42
N TYR B 187 6.56 -6.87 -70.34
CA TYR B 187 5.92 -6.18 -69.24
C TYR B 187 6.75 -6.47 -67.99
N THR B 188 7.13 -5.42 -67.28
CA THR B 188 7.87 -5.57 -66.04
C THR B 188 6.96 -5.22 -64.88
N LEU B 189 6.86 -6.14 -63.93
CA LEU B 189 5.95 -5.99 -62.82
C LEU B 189 6.67 -6.01 -61.51
N VAL B 190 6.33 -5.08 -60.65
CA VAL B 190 6.80 -5.16 -59.29
C VAL B 190 5.70 -5.80 -58.46
N VAL B 191 6.00 -7.00 -57.98
CA VAL B 191 5.06 -7.79 -57.22
C VAL B 191 5.43 -7.71 -55.74
N GLN B 192 4.42 -7.63 -54.88
CA GLN B 192 4.64 -7.46 -53.45
C GLN B 192 4.06 -8.60 -52.61
N ALA B 193 4.88 -9.08 -51.68
CA ALA B 193 4.45 -10.05 -50.69
C ALA B 193 4.29 -9.32 -49.37
N ALA B 194 3.17 -9.57 -48.69
CA ALA B 194 2.95 -8.97 -47.38
C ALA B 194 2.39 -10.00 -46.40
N ASP B 195 2.97 -10.03 -45.21
CA ASP B 195 2.53 -10.93 -44.16
C ASP B 195 1.38 -10.29 -43.41
N LEU B 196 0.81 -11.01 -42.44
CA LEU B 196 -0.41 -10.58 -41.78
C LEU B 196 -1.51 -10.44 -42.83
N GLN B 197 -1.55 -11.40 -43.73
CA GLN B 197 -2.46 -11.37 -44.87
C GLN B 197 -2.44 -10.00 -45.48
N GLY B 198 -1.28 -9.60 -45.99
CA GLY B 198 -1.15 -8.33 -46.66
C GLY B 198 -1.11 -7.17 -45.70
N GLU B 199 -1.66 -7.33 -44.51
CA GLU B 199 -1.75 -6.21 -43.60
C GLU B 199 -0.39 -5.79 -43.00
N GLY B 200 0.55 -6.74 -42.92
CA GLY B 200 1.79 -6.55 -42.16
C GLY B 200 3.03 -6.01 -42.87
N LEU B 201 4.04 -6.86 -43.02
CA LEU B 201 5.34 -6.42 -43.57
C LEU B 201 5.51 -6.69 -45.06
N SER B 202 5.74 -5.64 -45.82
CA SER B 202 5.77 -5.74 -47.27
C SER B 202 7.16 -5.87 -47.86
N THR B 203 7.31 -6.80 -48.78
CA THR B 203 8.59 -7.01 -49.44
C THR B 203 8.30 -7.14 -50.91
N THR B 204 9.00 -6.36 -51.72
CA THR B 204 8.73 -6.25 -53.13
C THR B 204 9.76 -6.93 -54.02
N ALA B 205 9.31 -7.49 -55.12
CA ALA B 205 10.18 -8.05 -56.14
C ALA B 205 9.69 -7.73 -57.56
N LYS B 206 10.30 -8.39 -58.54
CA LYS B 206 10.02 -8.11 -59.94
C LYS B 206 9.66 -9.38 -60.72
N ALA B 207 8.80 -9.21 -61.72
CA ALA B 207 8.34 -10.31 -62.56
C ALA B 207 8.18 -9.80 -63.98
N VAL B 208 8.90 -10.41 -64.93
CA VAL B 208 8.87 -9.88 -66.29
C VAL B 208 8.19 -10.77 -67.32
N ILE B 209 7.12 -10.23 -67.90
CA ILE B 209 6.39 -10.94 -68.94
C ILE B 209 6.76 -10.40 -70.31
N THR B 210 7.40 -11.25 -71.10
CA THR B 210 7.54 -11.00 -72.52
C THR B 210 6.37 -11.65 -73.24
N VAL B 211 5.41 -10.83 -73.66
CA VAL B 211 4.32 -11.31 -74.49
C VAL B 211 4.85 -11.63 -75.89
N LYS B 212 4.60 -12.86 -76.32
CA LYS B 212 5.24 -13.41 -77.51
C LYS B 212 4.35 -13.38 -78.75
N ASP B 213 4.87 -13.89 -79.87
CA ASP B 213 4.21 -13.70 -81.16
C ASP B 213 3.04 -14.66 -81.45
N ILE B 214 2.08 -14.19 -82.24
CA ILE B 214 0.86 -14.93 -82.56
C ILE B 214 0.39 -14.38 -83.90
N ASN B 215 0.15 -15.23 -84.90
CA ASN B 215 -0.17 -14.74 -86.24
C ASN B 215 -1.47 -13.98 -85.99
N ASP B 216 -1.33 -12.68 -85.84
CA ASP B 216 -2.46 -11.82 -85.55
C ASP B 216 -2.21 -10.52 -86.33
N ASN B 217 -1.76 -10.69 -87.57
CA ASN B 217 -1.50 -9.54 -88.45
C ASN B 217 -1.41 -9.86 -89.95
N ALA B 218 -2.51 -9.58 -90.64
CA ALA B 218 -2.63 -9.82 -92.07
C ALA B 218 -1.62 -9.03 -92.90
N PRO B 219 -1.10 -9.66 -93.97
CA PRO B 219 -0.13 -9.07 -94.90
C PRO B 219 -0.81 -8.03 -95.76
N VAL B 220 -0.13 -6.92 -96.02
CA VAL B 220 -0.76 -5.82 -96.73
C VAL B 220 -0.06 -5.41 -98.01
N PHE B 221 -0.85 -5.21 -99.07
CA PHE B 221 -0.32 -4.73 -100.35
C PHE B 221 -0.11 -3.22 -100.34
N ASN B 222 0.83 -2.75 -101.16
CA ASN B 222 1.04 -1.31 -101.36
C ASN B 222 1.52 -0.97 -102.78
N PRO B 223 0.63 -0.40 -103.60
CA PRO B 223 -0.78 -0.21 -103.23
C PRO B 223 -1.64 -1.39 -103.67
N SER B 224 -2.95 -1.18 -103.68
CA SER B 224 -3.90 -2.21 -104.06
C SER B 224 -4.02 -2.26 -105.57
N THR B 225 -3.38 -1.31 -106.24
CA THR B 225 -3.44 -1.23 -107.69
C THR B 225 -2.06 -1.36 -108.35
N TYR B 226 -1.82 -2.52 -108.93
CA TYR B 226 -0.62 -2.74 -109.71
C TYR B 226 -0.99 -2.73 -111.21
N GLN B 227 0.04 -2.73 -112.06
CA GLN B 227 -0.18 -2.60 -113.50
C GLN B 227 1.07 -2.96 -114.33
N GLY B 228 0.84 -3.71 -115.41
CA GLY B 228 1.91 -4.28 -116.21
C GLY B 228 1.38 -4.96 -117.47
N GLN B 229 2.19 -5.83 -118.08
CA GLN B 229 1.87 -6.36 -119.39
C GLN B 229 2.68 -7.58 -119.80
N VAL B 230 2.08 -8.42 -120.65
CA VAL B 230 2.72 -9.64 -121.12
C VAL B 230 2.66 -9.77 -122.62
N PRO B 231 3.80 -10.18 -123.22
CA PRO B 231 3.81 -10.67 -124.61
C PRO B 231 2.73 -11.77 -124.57
N GLU B 232 1.68 -11.64 -125.38
CA GLU B 232 0.49 -12.46 -125.26
C GLU B 232 0.67 -13.97 -125.28
N ASN B 233 1.66 -14.45 -126.03
CA ASN B 233 1.82 -15.88 -126.23
C ASN B 233 3.16 -16.27 -125.58
N GLU B 234 3.48 -15.66 -124.45
CA GLU B 234 4.67 -16.05 -123.71
C GLU B 234 4.25 -16.70 -122.40
N VAL B 235 5.16 -17.53 -121.88
CA VAL B 235 4.92 -18.34 -120.68
C VAL B 235 6.09 -18.23 -119.70
N ASN B 236 5.77 -18.18 -118.41
CA ASN B 236 6.74 -17.89 -117.35
C ASN B 236 7.18 -16.43 -117.40
N ALA B 237 6.37 -15.60 -118.03
CA ALA B 237 6.65 -14.17 -118.17
C ALA B 237 6.18 -13.41 -116.94
N ARG B 238 7.11 -12.67 -116.34
CA ARG B 238 6.80 -11.81 -115.21
C ARG B 238 5.87 -10.69 -115.66
N ILE B 239 4.73 -10.58 -115.00
CA ILE B 239 3.79 -9.52 -115.30
C ILE B 239 4.11 -8.34 -114.39
N ALA B 240 4.02 -8.58 -113.08
CA ALA B 240 4.42 -7.59 -112.09
C ALA B 240 4.69 -8.20 -110.71
N THR B 241 5.66 -7.61 -110.01
CA THR B 241 6.00 -7.98 -108.63
C THR B 241 5.32 -7.04 -107.62
N LEU B 242 4.50 -7.61 -106.73
CA LEU B 242 3.66 -6.80 -105.85
C LEU B 242 4.08 -6.84 -104.38
N LYS B 243 3.96 -5.70 -103.72
CA LYS B 243 4.58 -5.50 -102.42
C LYS B 243 3.61 -5.60 -101.24
N VAL B 244 4.05 -6.25 -100.18
CA VAL B 244 3.25 -6.41 -98.97
C VAL B 244 4.07 -6.27 -97.69
N THR B 245 3.38 -5.93 -96.60
CA THR B 245 4.02 -5.74 -95.30
C THR B 245 3.27 -6.41 -94.14
N ASP B 246 3.65 -7.66 -93.82
CA ASP B 246 3.12 -8.37 -92.65
C ASP B 246 3.75 -7.75 -91.40
N ASP B 247 2.92 -7.30 -90.48
CA ASP B 247 3.39 -6.59 -89.29
C ASP B 247 3.94 -7.53 -88.20
N ASP B 248 3.67 -8.82 -88.35
CA ASP B 248 4.08 -9.79 -87.34
C ASP B 248 5.58 -9.98 -87.26
N ALA B 249 6.02 -10.89 -86.39
CA ALA B 249 7.42 -11.26 -86.31
C ALA B 249 7.88 -11.59 -87.72
N PRO B 250 9.04 -11.08 -88.12
CA PRO B 250 9.60 -11.34 -89.45
C PRO B 250 10.04 -12.78 -89.64
N ASN B 251 9.99 -13.25 -90.88
CA ASN B 251 10.58 -14.51 -91.22
C ASN B 251 9.87 -15.68 -90.55
N THR B 252 8.86 -15.38 -89.76
CA THR B 252 8.08 -16.44 -89.13
C THR B 252 6.94 -16.83 -90.04
N PRO B 253 6.51 -18.10 -89.96
CA PRO B 253 5.42 -18.56 -90.81
C PRO B 253 4.27 -17.58 -90.82
N ALA B 254 4.10 -16.90 -89.69
CA ALA B 254 3.01 -15.98 -89.49
C ALA B 254 3.31 -14.67 -90.18
N TRP B 255 4.38 -14.67 -90.97
CA TRP B 255 4.86 -13.45 -91.60
C TRP B 255 4.99 -13.61 -93.10
N LYS B 256 5.58 -14.72 -93.53
CA LYS B 256 5.80 -14.94 -94.95
C LYS B 256 4.50 -15.11 -95.71
N ALA B 257 4.47 -14.55 -96.92
CA ALA B 257 3.22 -14.33 -97.66
C ALA B 257 2.78 -15.48 -98.55
N VAL B 258 1.49 -15.77 -98.50
CA VAL B 258 0.90 -16.65 -99.50
C VAL B 258 -0.16 -15.90 -100.33
N TYR B 259 0.15 -15.74 -101.62
CA TYR B 259 -0.68 -15.01 -102.57
C TYR B 259 -1.59 -15.97 -103.30
N THR B 260 -2.75 -15.47 -103.72
CA THR B 260 -3.68 -16.29 -104.50
C THR B 260 -4.50 -15.43 -105.45
N VAL B 261 -4.49 -15.82 -106.73
CA VAL B 261 -5.35 -15.21 -107.71
C VAL B 261 -6.76 -15.76 -107.48
N VAL B 262 -7.72 -14.86 -107.33
CA VAL B 262 -9.10 -15.28 -107.04
C VAL B 262 -9.93 -15.51 -108.31
N ASN B 263 -9.69 -14.66 -109.29
CA ASN B 263 -10.40 -14.68 -110.56
C ASN B 263 -9.49 -15.13 -111.68
N ASP B 264 -9.21 -16.43 -111.72
CA ASP B 264 -8.35 -16.98 -112.74
C ASP B 264 -8.93 -18.30 -113.20
N PRO B 265 -9.99 -18.25 -114.02
CA PRO B 265 -10.77 -19.42 -114.40
C PRO B 265 -9.93 -20.39 -115.19
N ASP B 266 -9.03 -19.85 -116.00
CA ASP B 266 -8.33 -20.67 -116.97
C ASP B 266 -7.04 -21.28 -116.44
N GLN B 267 -6.75 -21.04 -115.16
CA GLN B 267 -5.49 -21.49 -114.58
C GLN B 267 -4.33 -20.98 -115.47
N GLN B 268 -4.34 -19.69 -115.79
CA GLN B 268 -3.36 -19.09 -116.70
C GLN B 268 -2.47 -18.03 -116.05
N PHE B 269 -2.51 -17.95 -114.71
CA PHE B 269 -1.63 -17.07 -113.94
C PHE B 269 -1.10 -17.74 -112.69
N VAL B 270 0.15 -17.44 -112.35
CA VAL B 270 0.78 -17.96 -111.13
C VAL B 270 1.63 -16.88 -110.47
N VAL B 271 1.37 -16.59 -109.20
CA VAL B 271 2.13 -15.56 -108.50
C VAL B 271 2.95 -16.19 -107.38
N VAL B 272 4.26 -16.37 -107.61
CA VAL B 272 5.11 -17.03 -106.63
C VAL B 272 5.72 -16.03 -105.66
N THR B 273 5.91 -16.45 -104.42
CA THR B 273 6.44 -15.58 -103.38
C THR B 273 7.96 -15.56 -103.37
N ASP B 274 8.52 -14.36 -103.29
CA ASP B 274 9.96 -14.21 -103.22
C ASP B 274 10.43 -14.27 -101.79
N PRO B 275 11.04 -15.41 -101.42
CA PRO B 275 11.39 -15.70 -100.04
C PRO B 275 11.89 -14.47 -99.30
N THR B 276 13.01 -13.92 -99.76
CA THR B 276 13.73 -12.88 -99.04
C THR B 276 12.85 -11.69 -98.70
N THR B 277 11.86 -11.38 -99.52
CA THR B 277 11.09 -10.18 -99.27
C THR B 277 9.61 -10.48 -99.20
N ASN B 278 9.25 -11.72 -99.54
CA ASN B 278 7.86 -12.14 -99.74
C ASN B 278 7.06 -11.18 -100.65
N ASP B 279 7.66 -10.78 -101.76
CA ASP B 279 6.96 -10.05 -102.80
C ASP B 279 6.20 -11.03 -103.67
N GLY B 280 5.19 -10.51 -104.37
CA GLY B 280 4.38 -11.36 -105.22
C GLY B 280 4.88 -11.29 -106.64
N ILE B 281 5.47 -12.39 -107.10
CA ILE B 281 5.99 -12.46 -108.46
C ILE B 281 4.88 -12.97 -109.37
N LEU B 282 4.25 -12.06 -110.09
CA LEU B 282 3.11 -12.41 -110.93
C LEU B 282 3.58 -12.93 -112.30
N LYS B 283 3.37 -14.21 -112.54
CA LYS B 283 3.80 -14.80 -113.80
C LYS B 283 2.59 -15.30 -114.57
N THR B 284 2.87 -16.05 -115.62
CA THR B 284 1.84 -16.63 -116.44
C THR B 284 2.03 -18.12 -116.38
N ALA B 285 0.93 -18.85 -116.29
CA ALA B 285 0.97 -20.30 -116.22
C ALA B 285 0.76 -20.86 -117.62
N LYS B 286 -0.09 -20.19 -118.41
CA LYS B 286 -0.26 -20.55 -119.82
C LYS B 286 -0.13 -19.30 -120.70
N GLY B 287 0.55 -19.42 -121.83
CA GLY B 287 0.76 -18.28 -122.72
C GLY B 287 -0.57 -17.64 -123.12
N LEU B 288 -0.71 -16.35 -122.86
CA LEU B 288 -2.01 -15.72 -123.07
C LEU B 288 -2.25 -15.42 -124.56
N ASP B 289 -3.11 -16.20 -125.22
CA ASP B 289 -3.48 -15.90 -126.61
C ASP B 289 -4.36 -14.66 -126.61
N PHE B 290 -3.79 -13.61 -127.20
CA PHE B 290 -4.30 -12.25 -127.17
C PHE B 290 -5.75 -12.15 -127.62
N GLU B 291 -5.99 -12.53 -128.87
CA GLU B 291 -7.27 -12.30 -129.54
C GLU B 291 -8.54 -12.52 -128.71
N ALA B 292 -8.48 -13.44 -127.74
CA ALA B 292 -9.66 -13.73 -126.93
C ALA B 292 -9.86 -12.69 -125.82
N LYS B 293 -8.75 -12.22 -125.24
CA LYS B 293 -8.77 -11.24 -124.16
C LYS B 293 -7.61 -10.28 -124.32
N GLN B 294 -7.93 -8.98 -124.41
CA GLN B 294 -6.95 -7.92 -124.64
C GLN B 294 -6.29 -7.42 -123.34
N GLN B 295 -6.94 -7.71 -122.22
CA GLN B 295 -6.48 -7.25 -120.93
C GLN B 295 -7.05 -8.13 -119.84
N TYR B 296 -6.29 -8.32 -118.76
CA TYR B 296 -6.79 -9.01 -117.58
C TYR B 296 -6.75 -8.09 -116.36
N ILE B 297 -7.92 -7.74 -115.84
CA ILE B 297 -7.96 -6.99 -114.59
C ILE B 297 -8.38 -7.92 -113.44
N LEU B 298 -7.36 -8.48 -112.78
CA LEU B 298 -7.56 -9.51 -111.77
C LEU B 298 -7.03 -9.12 -110.39
N HIS B 299 -7.64 -9.71 -109.37
CA HIS B 299 -7.23 -9.46 -107.99
C HIS B 299 -6.37 -10.58 -107.42
N VAL B 300 -5.53 -10.23 -106.46
CA VAL B 300 -4.68 -11.20 -105.78
C VAL B 300 -4.66 -10.88 -104.28
N ARG B 301 -4.84 -11.92 -103.47
CA ARG B 301 -4.97 -11.76 -102.02
C ARG B 301 -3.80 -12.40 -101.26
N VAL B 302 -3.58 -11.94 -100.04
CA VAL B 302 -2.43 -12.38 -99.25
C VAL B 302 -2.79 -13.16 -97.99
N GLU B 303 -1.88 -14.04 -97.58
CA GLU B 303 -2.00 -14.85 -96.37
C GLU B 303 -0.64 -15.13 -95.74
N ASN B 304 -0.57 -16.15 -94.89
CA ASN B 304 0.68 -16.55 -94.27
C ASN B 304 0.79 -18.06 -94.17
N GLU B 305 2.01 -18.58 -94.29
CA GLU B 305 2.20 -20.03 -94.14
C GLU B 305 1.37 -20.51 -92.97
N GLU B 306 1.52 -19.80 -91.85
CA GLU B 306 0.71 -20.08 -90.67
C GLU B 306 -0.67 -19.49 -90.86
N PRO B 307 -1.71 -20.34 -90.73
CA PRO B 307 -3.11 -19.92 -90.81
C PRO B 307 -3.40 -18.71 -89.93
N PHE B 308 -4.26 -17.83 -90.42
CA PHE B 308 -4.68 -16.65 -89.67
C PHE B 308 -5.35 -17.03 -88.37
N GLU B 309 -5.17 -16.18 -87.36
CA GLU B 309 -5.72 -16.47 -86.05
C GLU B 309 -7.01 -15.68 -85.77
N GLY B 310 -8.13 -16.42 -85.73
CA GLY B 310 -9.46 -15.85 -85.57
C GLY B 310 -10.10 -15.50 -86.90
N SER B 311 -10.91 -14.44 -86.92
CA SER B 311 -11.45 -13.91 -88.16
C SER B 311 -10.30 -13.62 -89.13
N LEU B 312 -10.55 -13.86 -90.40
CA LEU B 312 -9.58 -13.62 -91.45
C LEU B 312 -10.10 -12.53 -92.38
N VAL B 313 -9.40 -11.41 -92.48
CA VAL B 313 -9.82 -10.35 -93.39
C VAL B 313 -8.66 -9.91 -94.32
N PRO B 314 -8.30 -10.80 -95.28
CA PRO B 314 -7.08 -10.71 -96.10
C PRO B 314 -7.09 -9.62 -97.18
N SER B 315 -5.87 -9.13 -97.49
CA SER B 315 -5.66 -7.95 -98.33
C SER B 315 -5.58 -8.30 -99.81
N THR B 316 -6.09 -7.46 -100.69
CA THR B 316 -6.11 -7.85 -102.11
C THR B 316 -5.64 -6.77 -103.09
N ALA B 317 -4.85 -7.18 -104.08
CA ALA B 317 -4.26 -6.32 -105.06
C ALA B 317 -4.91 -6.50 -106.41
N THR B 318 -4.86 -5.43 -107.18
CA THR B 318 -5.43 -5.43 -108.51
C THR B 318 -4.36 -5.21 -109.55
N VAL B 319 -4.01 -6.26 -110.28
CA VAL B 319 -3.01 -6.14 -111.32
C VAL B 319 -3.75 -6.07 -112.65
N THR B 320 -3.92 -4.85 -113.17
CA THR B 320 -4.56 -4.66 -114.48
C THR B 320 -3.55 -5.09 -115.56
N VAL B 321 -3.64 -6.36 -115.97
CA VAL B 321 -2.64 -6.98 -116.84
C VAL B 321 -2.91 -6.80 -118.33
N ASP B 322 -1.92 -6.29 -119.04
CA ASP B 322 -2.08 -6.08 -120.47
C ASP B 322 -1.22 -7.01 -121.28
N VAL B 323 -1.87 -7.73 -122.18
CA VAL B 323 -1.16 -8.56 -123.13
C VAL B 323 -0.97 -7.79 -124.42
N VAL B 324 0.13 -8.07 -125.10
CA VAL B 324 0.43 -7.41 -126.38
C VAL B 324 0.43 -8.34 -127.59
N ASP B 325 -0.34 -7.97 -128.61
CA ASP B 325 -0.55 -8.82 -129.78
C ASP B 325 0.74 -9.06 -130.53
N VAL B 326 1.28 -10.27 -130.43
CA VAL B 326 2.45 -10.61 -131.24
C VAL B 326 2.04 -11.28 -132.53
N ASN B 327 2.73 -10.92 -133.61
CA ASN B 327 2.45 -11.47 -134.94
C ASN B 327 2.77 -12.95 -135.02
N GLU B 328 1.71 -13.74 -135.21
CA GLU B 328 1.80 -15.18 -135.36
C GLU B 328 1.66 -15.55 -136.84
N ALA B 329 2.12 -16.74 -137.19
CA ALA B 329 2.06 -17.21 -138.57
C ALA B 329 0.61 -17.43 -139.00
N PRO B 330 0.26 -17.05 -140.24
CA PRO B 330 -1.09 -17.39 -140.67
C PRO B 330 -1.22 -18.90 -140.97
N ILE B 331 -2.45 -19.43 -140.89
CA ILE B 331 -2.71 -20.87 -140.92
C ILE B 331 -3.51 -21.31 -142.14
N PHE B 332 -2.84 -21.96 -143.10
CA PHE B 332 -3.52 -22.48 -144.27
C PHE B 332 -4.69 -23.34 -143.81
N MET B 333 -5.88 -23.04 -144.32
CA MET B 333 -7.05 -23.81 -143.98
C MET B 333 -7.69 -24.42 -145.22
N PRO B 334 -7.57 -25.76 -145.38
CA PRO B 334 -6.90 -26.69 -144.46
C PRO B 334 -5.40 -26.78 -144.71
N ALA B 335 -4.70 -27.54 -143.87
CA ALA B 335 -3.26 -27.64 -143.95
C ALA B 335 -2.86 -28.77 -144.87
N GLU B 336 -3.86 -29.55 -145.28
CA GLU B 336 -3.63 -30.77 -146.03
C GLU B 336 -4.60 -30.84 -147.22
N ARG B 337 -4.42 -29.97 -148.19
CA ARG B 337 -5.39 -29.88 -149.29
C ARG B 337 -5.30 -31.04 -150.28
N ARG B 338 -6.40 -31.79 -150.42
CA ARG B 338 -6.45 -32.88 -151.41
C ARG B 338 -7.51 -32.64 -152.49
N VAL B 339 -7.05 -32.56 -153.74
CA VAL B 339 -7.89 -32.29 -154.90
C VAL B 339 -7.59 -33.24 -156.05
N GLU B 340 -8.63 -33.70 -156.76
CA GLU B 340 -8.44 -34.56 -157.95
C GLU B 340 -8.45 -33.76 -159.25
N VAL B 341 -7.38 -33.89 -160.03
CA VAL B 341 -7.26 -33.17 -161.30
C VAL B 341 -6.88 -34.09 -162.45
N PRO B 342 -7.62 -34.01 -163.57
CA PRO B 342 -7.38 -34.76 -164.81
C PRO B 342 -5.96 -34.40 -165.24
N GLU B 343 -5.07 -35.38 -165.44
CA GLU B 343 -3.67 -35.10 -165.74
C GLU B 343 -3.66 -34.23 -166.99
N ASP B 344 -4.65 -34.42 -167.84
CA ASP B 344 -4.70 -33.70 -169.11
C ASP B 344 -5.19 -32.25 -168.96
N PHE B 345 -5.09 -31.72 -167.74
CA PHE B 345 -5.54 -30.36 -167.42
C PHE B 345 -4.85 -29.26 -168.24
N GLY B 346 -5.65 -28.31 -168.69
CA GLY B 346 -5.15 -27.18 -169.46
C GLY B 346 -4.02 -26.40 -168.78
N VAL B 347 -3.08 -25.92 -169.58
CA VAL B 347 -1.98 -25.14 -169.03
C VAL B 347 -2.34 -23.66 -169.00
N GLY B 348 -2.41 -23.12 -167.79
CA GLY B 348 -2.78 -21.73 -167.59
C GLY B 348 -4.17 -21.57 -167.00
N GLN B 349 -4.96 -22.66 -167.02
CA GLN B 349 -6.27 -22.66 -166.39
C GLN B 349 -6.13 -22.76 -164.89
N GLU B 350 -7.17 -22.32 -164.19
CA GLU B 350 -7.23 -22.42 -162.75
C GLU B 350 -7.53 -23.85 -162.34
N ILE B 351 -6.83 -24.33 -161.31
CA ILE B 351 -7.17 -25.59 -160.66
C ILE B 351 -8.13 -25.28 -159.51
N THR B 352 -7.59 -24.82 -158.38
CA THR B 352 -8.40 -24.42 -157.25
C THR B 352 -7.74 -23.30 -156.46
N SER B 353 -8.55 -22.52 -155.75
CA SER B 353 -8.03 -21.46 -154.88
C SER B 353 -7.73 -21.99 -153.47
N TYR B 354 -6.45 -22.16 -153.17
CA TYR B 354 -5.99 -22.61 -151.87
C TYR B 354 -5.65 -21.38 -151.06
N THR B 355 -6.20 -21.27 -149.86
CA THR B 355 -6.07 -20.07 -149.04
C THR B 355 -5.52 -20.30 -147.65
N ALA B 356 -5.38 -19.21 -146.91
CA ALA B 356 -4.86 -19.21 -145.54
C ALA B 356 -5.62 -18.24 -144.62
N ARG B 357 -5.67 -18.58 -143.34
CA ARG B 357 -6.34 -17.77 -142.34
C ARG B 357 -5.36 -16.71 -141.80
N GLU B 358 -5.90 -15.57 -141.41
CA GLU B 358 -5.09 -14.53 -140.78
C GLU B 358 -5.38 -14.51 -139.29
N PRO B 359 -4.41 -14.93 -138.49
CA PRO B 359 -4.61 -15.04 -137.02
C PRO B 359 -4.62 -13.70 -136.29
N ASP B 360 -3.66 -12.83 -136.58
CA ASP B 360 -3.49 -11.58 -135.83
C ASP B 360 -4.55 -10.72 -136.41
N THR B 361 -5.46 -10.30 -135.56
CA THR B 361 -6.51 -9.44 -136.04
C THR B 361 -6.10 -7.98 -136.02
N PHE B 362 -5.03 -7.65 -136.73
CA PHE B 362 -4.88 -6.28 -137.15
C PHE B 362 -5.79 -6.22 -138.38
N MET B 363 -6.72 -5.27 -138.37
CA MET B 363 -7.65 -5.13 -139.48
C MET B 363 -6.89 -4.67 -140.70
N ASP B 364 -5.57 -4.56 -140.52
CA ASP B 364 -4.64 -4.07 -141.51
C ASP B 364 -3.57 -4.98 -142.11
N GLN B 365 -3.74 -6.30 -141.93
CA GLN B 365 -2.81 -7.31 -142.46
C GLN B 365 -3.14 -8.01 -143.80
N LYS B 366 -2.11 -8.35 -144.59
CA LYS B 366 -2.29 -9.06 -145.87
C LYS B 366 -1.42 -10.31 -145.97
N ILE B 367 -1.67 -11.12 -147.00
CA ILE B 367 -0.99 -12.38 -147.17
C ILE B 367 -0.41 -12.58 -148.57
N THR B 368 0.78 -13.20 -148.65
CA THR B 368 1.45 -13.43 -149.92
C THR B 368 1.63 -14.90 -150.23
N TYR B 369 0.92 -15.39 -151.24
CA TYR B 369 1.01 -16.80 -151.60
C TYR B 369 2.06 -17.09 -152.62
N ARG B 370 3.03 -17.89 -152.23
CA ARG B 370 3.96 -18.39 -153.20
C ARG B 370 4.12 -19.88 -152.99
N ILE B 371 5.01 -20.47 -153.76
CA ILE B 371 5.19 -21.89 -153.69
C ILE B 371 6.66 -22.15 -153.88
N TRP B 372 7.22 -23.08 -153.12
CA TRP B 372 8.59 -23.45 -153.39
C TRP B 372 8.67 -24.86 -153.95
N ARG B 373 8.03 -25.83 -153.28
CA ARG B 373 8.21 -27.23 -153.65
C ARG B 373 7.37 -27.69 -154.86
N ASP B 374 7.73 -27.18 -156.04
CA ASP B 374 7.18 -27.67 -157.29
C ASP B 374 8.28 -28.52 -157.93
N THR B 375 8.15 -29.83 -157.71
CA THR B 375 9.12 -30.82 -158.12
C THR B 375 9.27 -30.77 -159.64
N ALA B 376 8.14 -30.79 -160.34
CA ALA B 376 8.15 -30.84 -161.80
C ALA B 376 7.59 -29.60 -162.52
N ASN B 377 7.42 -28.49 -161.81
CA ASN B 377 7.23 -27.21 -162.47
C ASN B 377 5.87 -26.96 -163.13
N TRP B 378 4.88 -27.81 -162.84
CA TRP B 378 3.58 -27.70 -163.47
C TRP B 378 2.72 -26.59 -162.88
N LEU B 379 2.90 -26.33 -161.60
CA LEU B 379 2.03 -25.38 -160.92
C LEU B 379 2.57 -23.97 -160.92
N GLU B 380 1.68 -23.04 -160.62
CA GLU B 380 2.00 -21.63 -160.41
C GLU B 380 0.82 -21.03 -159.66
N ILE B 381 1.01 -20.75 -158.37
CA ILE B 381 -0.04 -20.16 -157.55
C ILE B 381 -0.06 -18.64 -157.61
N ASN B 382 -1.25 -18.09 -157.84
CA ASN B 382 -1.48 -16.66 -157.75
C ASN B 382 -1.00 -16.12 -156.40
N PRO B 383 -0.08 -15.13 -156.43
CA PRO B 383 0.48 -14.55 -155.19
C PRO B 383 -0.54 -13.78 -154.40
N GLU B 384 -1.61 -13.35 -155.06
CA GLU B 384 -2.59 -12.47 -154.41
C GLU B 384 -3.63 -13.23 -153.61
N THR B 385 -4.50 -13.96 -154.31
CA THR B 385 -5.64 -14.61 -153.67
C THR B 385 -5.55 -16.15 -153.68
N GLY B 386 -4.33 -16.66 -153.65
CA GLY B 386 -4.08 -18.08 -153.48
C GLY B 386 -4.51 -18.97 -154.63
N ALA B 387 -4.91 -18.36 -155.73
CA ALA B 387 -5.41 -19.10 -156.89
C ALA B 387 -4.33 -19.97 -157.51
N ILE B 388 -4.67 -21.21 -157.86
CA ILE B 388 -3.70 -22.08 -158.47
C ILE B 388 -3.99 -22.34 -159.94
N PHE B 389 -2.97 -22.11 -160.77
CA PHE B 389 -3.02 -22.44 -162.19
C PHE B 389 -1.81 -23.22 -162.68
N THR B 390 -2.07 -24.14 -163.60
CA THR B 390 -1.04 -24.96 -164.21
C THR B 390 -0.26 -24.09 -165.19
N ARG B 391 1.06 -24.07 -165.07
CA ARG B 391 1.85 -23.31 -166.02
C ARG B 391 2.69 -24.25 -166.88
N ALA B 392 2.45 -25.55 -166.74
CA ALA B 392 3.09 -26.56 -167.59
C ALA B 392 2.20 -27.79 -167.81
N GLU B 393 2.58 -28.63 -168.76
CA GLU B 393 1.76 -29.79 -169.10
C GLU B 393 1.92 -30.94 -168.10
N MET B 394 0.85 -31.22 -167.37
CA MET B 394 0.89 -32.29 -166.39
C MET B 394 0.74 -33.65 -167.05
N ASP B 395 1.16 -34.70 -166.34
CA ASP B 395 1.05 -36.07 -166.80
C ASP B 395 1.12 -37.05 -165.61
N ARG B 396 0.06 -37.85 -165.45
CA ARG B 396 -0.02 -38.80 -164.33
C ARG B 396 0.93 -39.98 -164.55
N GLU B 397 1.18 -40.27 -165.82
CA GLU B 397 2.18 -41.25 -166.24
C GLU B 397 3.60 -40.71 -166.06
N ASP B 398 3.71 -39.43 -165.73
CA ASP B 398 5.01 -38.80 -165.49
C ASP B 398 5.62 -39.34 -164.19
N ALA B 399 6.47 -40.35 -164.31
CA ALA B 399 6.98 -41.06 -163.13
C ALA B 399 7.99 -40.24 -162.32
N GLU B 400 8.32 -40.73 -161.13
CA GLU B 400 9.25 -40.04 -160.26
C GLU B 400 8.60 -38.82 -159.58
N HIS B 401 8.13 -37.85 -160.39
CA HIS B 401 7.48 -36.65 -159.87
C HIS B 401 6.04 -36.93 -159.44
N VAL B 402 5.55 -38.10 -159.82
CA VAL B 402 4.25 -38.56 -159.37
C VAL B 402 4.43 -39.80 -158.51
N LYS B 403 4.45 -39.60 -157.19
CA LYS B 403 4.60 -40.67 -156.19
C LYS B 403 3.76 -41.91 -156.47
N ASN B 404 2.44 -41.75 -156.40
CA ASN B 404 1.49 -42.82 -156.68
C ASN B 404 0.17 -42.25 -157.16
N SER B 405 0.22 -41.68 -158.35
CA SER B 405 -0.93 -41.05 -159.02
C SER B 405 -1.32 -39.74 -158.34
N THR B 406 -0.55 -39.36 -157.33
CA THR B 406 -0.77 -38.10 -156.62
C THR B 406 0.50 -37.29 -156.64
N TYR B 407 0.36 -35.99 -156.77
CA TYR B 407 1.50 -35.09 -156.88
C TYR B 407 1.49 -34.08 -155.75
N VAL B 408 2.55 -34.09 -154.94
CA VAL B 408 2.59 -33.23 -153.76
C VAL B 408 3.51 -32.03 -153.93
N ALA B 409 2.98 -30.86 -153.59
CA ALA B 409 3.68 -29.60 -153.77
C ALA B 409 3.42 -28.68 -152.58
N LEU B 410 4.46 -28.04 -152.07
CA LEU B 410 4.33 -27.21 -150.88
C LEU B 410 4.16 -25.73 -151.16
N ILE B 411 3.15 -25.15 -150.52
CA ILE B 411 2.75 -23.78 -150.78
C ILE B 411 2.99 -22.95 -149.52
N ILE B 412 2.98 -21.63 -149.69
CA ILE B 412 3.41 -20.72 -148.65
C ILE B 412 2.50 -19.50 -148.62
N ALA B 413 2.10 -19.08 -147.42
CA ALA B 413 1.44 -17.79 -147.27
C ALA B 413 2.21 -16.96 -146.25
N THR B 414 3.22 -16.22 -146.71
CA THR B 414 4.04 -15.38 -145.81
C THR B 414 3.24 -14.19 -145.22
N ASP B 415 3.68 -13.72 -144.05
CA ASP B 415 2.98 -12.65 -143.33
C ASP B 415 3.43 -11.19 -143.51
N ASP B 416 2.47 -10.29 -143.34
CA ASP B 416 2.69 -8.86 -143.43
C ASP B 416 2.53 -7.91 -142.21
N GLY B 417 3.31 -8.23 -141.17
CA GLY B 417 3.27 -7.46 -139.94
C GLY B 417 4.65 -7.23 -139.33
N SER B 418 4.81 -7.59 -138.07
CA SER B 418 6.08 -7.41 -137.38
C SER B 418 7.30 -8.20 -137.90
N PRO B 419 7.26 -9.52 -137.72
CA PRO B 419 8.39 -10.40 -138.05
C PRO B 419 7.69 -11.06 -139.22
N ILE B 420 8.44 -11.77 -140.05
CA ILE B 420 7.90 -12.35 -141.27
C ILE B 420 7.50 -13.78 -140.94
N ALA B 421 6.25 -13.97 -140.52
CA ALA B 421 5.79 -15.30 -140.17
C ALA B 421 5.13 -16.01 -141.36
N THR B 422 5.83 -17.02 -141.87
CA THR B 422 5.43 -17.72 -143.08
C THR B 422 4.69 -19.01 -142.80
N GLY B 423 3.37 -18.94 -142.95
CA GLY B 423 2.55 -20.13 -142.83
C GLY B 423 2.80 -21.08 -143.97
N THR B 424 2.62 -22.37 -143.70
CA THR B 424 2.88 -23.41 -144.69
C THR B 424 1.66 -24.30 -144.82
N GLY B 425 1.22 -24.48 -146.07
CA GLY B 425 0.14 -25.39 -146.41
C GLY B 425 0.53 -26.38 -147.50
N THR B 426 -0.24 -27.47 -147.63
CA THR B 426 0.14 -28.57 -148.51
C THR B 426 -0.93 -28.95 -149.50
N LEU B 427 -0.59 -28.99 -150.79
CA LEU B 427 -1.53 -29.41 -151.81
C LEU B 427 -1.20 -30.81 -152.33
N LEU B 428 -2.17 -31.71 -152.23
CA LEU B 428 -2.05 -33.02 -152.83
C LEU B 428 -2.83 -33.04 -154.13
N LEU B 429 -2.11 -33.00 -155.23
CA LEU B 429 -2.74 -32.95 -156.53
C LEU B 429 -2.87 -34.34 -157.10
N VAL B 430 -4.08 -34.89 -157.02
CA VAL B 430 -4.34 -36.26 -157.42
C VAL B 430 -4.76 -36.35 -158.86
N LEU B 431 -3.83 -36.82 -159.69
CA LEU B 431 -4.08 -36.99 -161.11
C LEU B 431 -4.51 -38.41 -161.42
N LEU B 432 -5.72 -38.48 -161.94
CA LEU B 432 -6.27 -39.70 -162.47
C LEU B 432 -6.32 -39.60 -163.97
N ASP B 433 -5.93 -40.71 -164.59
CA ASP B 433 -5.68 -40.82 -166.02
C ASP B 433 -6.66 -40.15 -166.96
N VAL B 434 -6.12 -39.45 -167.95
CA VAL B 434 -6.93 -38.86 -169.00
C VAL B 434 -6.25 -38.88 -170.35
N ASP B 462 1.57 -50.45 -172.23
CA ASP B 462 0.80 -49.26 -171.83
C ASP B 462 1.01 -48.98 -170.35
N PRO B 463 1.48 -47.76 -170.01
CA PRO B 463 1.75 -47.31 -168.63
C PRO B 463 0.47 -46.83 -167.91
N ASP B 464 -0.61 -46.72 -168.67
CA ASP B 464 -1.89 -46.18 -168.20
C ASP B 464 -2.61 -47.06 -167.15
N LEU B 465 -3.68 -46.51 -166.53
CA LEU B 465 -4.48 -47.24 -165.55
C LEU B 465 -5.83 -47.65 -166.13
N PRO B 466 -6.29 -48.89 -165.84
CA PRO B 466 -7.58 -49.40 -166.32
C PRO B 466 -8.71 -48.37 -166.20
N PRO B 467 -9.60 -48.31 -167.22
CA PRO B 467 -9.62 -49.24 -168.34
C PRO B 467 -8.50 -48.99 -169.35
#